data_5LGJ
#
_entry.id   5LGJ
#
_cell.length_a   129.450
_cell.length_b   74.910
_cell.length_c   79.060
_cell.angle_alpha   90.000
_cell.angle_beta   90.000
_cell.angle_gamma   90.000
#
_symmetry.space_group_name_H-M   'P 21 21 2'
#
loop_
_entity.id
_entity.type
_entity.pdbx_description
1 polymer 'Ig epsilon chain C region'
2 polymer 'Ig epsilon chain C region'
3 branched alpha-D-mannopyranose-(1-3)-alpha-D-mannopyranose-(1-6)-beta-D-mannopyranose-(1-4)-2-acetamido-2-deoxy-beta-D-glucopyranose-(1-4)-2-acetamido-2-deoxy-beta-D-glucopyranose
4 branched alpha-D-mannopyranose-(1-3)-[alpha-D-mannopyranose-(1-4)]alpha-D-mannopyranose-(1-6)-[alpha-D-mannopyranose-(1-3)]beta-D-mannopyranose-(1-4)-2-acetamido-2-deoxy-beta-D-glucopyranose-(1-4)-2-acetamido-2-deoxy-beta-D-glucopyranose
5 non-polymer 'SULFATE ION'
6 non-polymer 'TETRAETHYLENE GLYCOL'
7 non-polymer GLYCEROL
8 water water
#
loop_
_entity_poly.entity_id
_entity_poly.type
_entity_poly.pdbx_seq_one_letter_code
_entity_poly.pdbx_strand_id
1 'polypeptide(L)'
;DFTPPTVKILQSSCDGGGHFPPTIQLLCLVSGYTPGTIQITWLEDGQVMDVDLSTASTTQEGELASTQSELTLSQKHWLS
DRTYTCQVTYQGHTFEDSTKKCADSNCRGVSAYLSRPSPFDLFIRKSPTITCLVVDLAPSKGTVQLTWSRASGKPVNHST
RKEEKQRNGTLTVTSTLPVGTRDWIEGETYQCRVTHPHLPRALMRSTTKTSGPRAAPEVYAFATPEWPGSRDKRTLACLI
QNFMPEDISVQWLHNEVQLPDARHSTTQPRKTKGSGFFVFSRLEVTRAEWEQKDEFICRAVHEAASPSQTVQRAVSVNP
;
A
2 'polypeptide(L)'
;DFTPPTVKILQSSCDGGGHFPPTIQLLCLVSGYTPGTIQITWLEDGQVMDVDLSTASTTQEGELASTQSELTLSQKHWLS
DRTYTCQVTYQGHTFEDSTKKCADSNCRGVSAYLSRPSPFDLFIRKSPTITCLVVDLAPSKGTVQLTWSRASGKPVNHST
RKEEKQRNGTLTVTSTLPVGTRDWIEGETYQCRVTHPHLPRALMRSTTKTSGPRAAPEVYAFATPEWPGSRDKRTLACLI
QNFMPEDISVQWLHNEVQLPDARHSTTQPRKTKGSGFFVFSRLEVTRAEWEQKDEFICRAVHEAASPSQTVQRAVSVNPG
;
B
#
loop_
_chem_comp.id
_chem_comp.type
_chem_comp.name
_chem_comp.formula
BMA D-saccharide, beta linking beta-D-mannopyranose 'C6 H12 O6'
GOL non-polymer GLYCEROL 'C3 H8 O3'
MAN D-saccharide, alpha linking alpha-D-mannopyranose 'C6 H12 O6'
NAG D-saccharide, beta linking 2-acetamido-2-deoxy-beta-D-glucopyranose 'C8 H15 N O6'
PG4 non-polymer 'TETRAETHYLENE GLYCOL' 'C8 H18 O5'
SO4 non-polymer 'SULFATE ION' 'O4 S -2'
#
# COMPACT_ATOMS: atom_id res chain seq x y z
N ASP A 1 -13.47 -34.84 17.47
CA ASP A 1 -14.20 -35.97 16.91
C ASP A 1 -15.24 -35.49 15.87
N PHE A 2 -16.14 -34.58 16.26
CA PHE A 2 -17.19 -34.02 15.42
C PHE A 2 -16.75 -32.70 14.80
N THR A 3 -17.11 -32.48 13.53
CA THR A 3 -16.78 -31.24 12.82
C THR A 3 -18.07 -30.43 12.47
N PRO A 4 -18.37 -29.34 13.23
CA PRO A 4 -19.59 -28.56 12.92
C PRO A 4 -19.51 -27.81 11.59
N PRO A 5 -20.64 -27.50 10.92
CA PRO A 5 -20.57 -26.79 9.64
C PRO A 5 -20.24 -25.31 9.77
N THR A 6 -19.41 -24.80 8.86
CA THR A 6 -19.01 -23.40 8.82
C THR A 6 -19.67 -22.73 7.61
N VAL A 7 -20.43 -21.67 7.84
CA VAL A 7 -21.13 -20.94 6.78
C VAL A 7 -20.40 -19.64 6.41
N LYS A 8 -20.10 -19.46 5.11
CA LYS A 8 -19.48 -18.27 4.56
C LYS A 8 -20.06 -17.94 3.20
N ILE A 9 -20.24 -16.63 2.92
CA ILE A 9 -20.79 -16.12 1.67
C ILE A 9 -19.69 -15.45 0.84
N LEU A 10 -19.61 -15.84 -0.44
CA LEU A 10 -18.70 -15.25 -1.42
C LEU A 10 -19.56 -14.58 -2.47
N GLN A 11 -19.12 -13.43 -2.98
CA GLN A 11 -19.88 -12.69 -3.98
C GLN A 11 -19.07 -12.43 -5.24
N SER A 12 -19.76 -12.13 -6.34
CA SER A 12 -19.18 -11.75 -7.61
C SER A 12 -18.32 -10.51 -7.38
N SER A 13 -17.11 -10.50 -7.92
CA SER A 13 -16.20 -9.37 -7.79
C SER A 13 -16.56 -8.28 -8.78
N CYS A 14 -16.13 -7.05 -8.48
CA CYS A 14 -16.30 -5.91 -9.38
C CYS A 14 -15.14 -5.94 -10.38
N ASP A 15 -15.29 -5.28 -11.53
CA ASP A 15 -14.22 -5.26 -12.54
C ASP A 15 -13.01 -4.42 -12.09
N GLY A 16 -12.05 -4.20 -13.00
CA GLY A 16 -10.85 -3.42 -12.73
C GLY A 16 -11.09 -1.97 -12.37
N GLY A 17 -12.22 -1.42 -12.81
CA GLY A 17 -12.62 -0.04 -12.55
C GLY A 17 -13.54 0.11 -11.35
N GLY A 18 -13.85 -1.00 -10.70
CA GLY A 18 -14.71 -1.05 -9.53
C GLY A 18 -16.19 -1.10 -9.88
N HIS A 19 -16.54 -1.52 -11.11
CA HIS A 19 -17.94 -1.59 -11.52
C HIS A 19 -18.55 -2.97 -11.32
N PHE A 20 -19.82 -2.99 -10.89
CA PHE A 20 -20.60 -4.19 -10.64
C PHE A 20 -20.92 -4.94 -11.95
N PRO A 21 -20.91 -6.30 -11.94
CA PRO A 21 -21.30 -7.04 -13.16
C PRO A 21 -22.83 -6.91 -13.41
N PRO A 22 -23.39 -7.30 -14.59
CA PRO A 22 -24.84 -7.16 -14.80
C PRO A 22 -25.69 -7.96 -13.80
N THR A 23 -25.16 -9.10 -13.31
CA THR A 23 -25.79 -9.95 -12.31
C THR A 23 -24.80 -10.27 -11.20
N ILE A 24 -25.28 -10.31 -9.96
CA ILE A 24 -24.47 -10.61 -8.77
C ILE A 24 -24.76 -12.05 -8.35
N GLN A 25 -23.73 -12.85 -8.20
CA GLN A 25 -23.86 -14.22 -7.74
C GLN A 25 -23.36 -14.27 -6.30
N LEU A 26 -24.21 -14.75 -5.41
CA LEU A 26 -23.86 -14.97 -4.01
C LEU A 26 -23.68 -16.47 -3.86
N LEU A 27 -22.48 -16.88 -3.48
CA LEU A 27 -22.19 -18.29 -3.31
C LEU A 27 -22.05 -18.62 -1.83
N CYS A 28 -22.96 -19.43 -1.31
CA CYS A 28 -22.89 -19.86 0.09
C CYS A 28 -22.13 -21.15 0.23
N LEU A 29 -21.14 -21.16 1.12
CA LEU A 29 -20.30 -22.34 1.33
C LEU A 29 -20.43 -22.89 2.73
N VAL A 30 -20.82 -24.16 2.81
CA VAL A 30 -20.93 -24.95 4.04
C VAL A 30 -19.84 -26.02 3.90
N SER A 31 -18.58 -25.60 4.12
CA SER A 31 -17.38 -26.42 3.92
C SER A 31 -16.85 -27.13 5.16
N GLY A 32 -16.33 -28.34 4.93
CA GLY A 32 -15.69 -29.22 5.92
C GLY A 32 -16.51 -29.53 7.15
N TYR A 33 -17.53 -30.39 7.01
CA TYR A 33 -18.40 -30.79 8.12
C TYR A 33 -18.73 -32.27 8.08
N THR A 34 -19.04 -32.85 9.27
CA THR A 34 -19.42 -34.25 9.48
C THR A 34 -20.74 -34.50 8.71
N PRO A 35 -20.81 -35.53 7.84
CA PRO A 35 -22.03 -35.75 7.06
C PRO A 35 -23.30 -35.92 7.92
N GLY A 36 -24.35 -35.24 7.49
CA GLY A 36 -25.65 -35.26 8.13
C GLY A 36 -26.72 -34.63 7.26
N THR A 37 -27.94 -34.48 7.80
CA THR A 37 -29.04 -33.87 7.07
C THR A 37 -28.76 -32.38 6.96
N ILE A 38 -28.86 -31.84 5.75
CA ILE A 38 -28.60 -30.44 5.49
C ILE A 38 -29.67 -29.82 4.60
N GLN A 39 -29.94 -28.55 4.85
CA GLN A 39 -30.87 -27.77 4.06
C GLN A 39 -30.32 -26.37 3.94
N ILE A 40 -30.34 -25.82 2.72
CA ILE A 40 -29.90 -24.43 2.50
C ILE A 40 -31.08 -23.64 1.96
N THR A 41 -31.42 -22.55 2.65
CA THR A 41 -32.50 -21.64 2.23
C THR A 41 -31.92 -20.22 2.13
N TRP A 42 -32.34 -19.48 1.09
CA TRP A 42 -31.92 -18.11 0.89
C TRP A 42 -33.05 -17.20 1.31
N LEU A 43 -32.72 -16.13 2.06
CA LEU A 43 -33.71 -15.15 2.50
C LEU A 43 -33.38 -13.78 1.92
N GLU A 44 -34.39 -13.08 1.41
CA GLU A 44 -34.30 -11.70 0.93
C GLU A 44 -35.12 -10.91 1.95
N ASP A 45 -34.42 -10.12 2.78
CA ASP A 45 -35.02 -9.31 3.86
C ASP A 45 -35.90 -10.14 4.81
N GLY A 46 -35.34 -11.26 5.29
CA GLY A 46 -36.00 -12.18 6.21
C GLY A 46 -37.11 -13.04 5.64
N GLN A 47 -37.30 -13.03 4.31
CA GLN A 47 -38.34 -13.79 3.62
C GLN A 47 -37.73 -14.84 2.72
N VAL A 48 -38.31 -16.06 2.74
CA VAL A 48 -37.84 -17.21 1.97
C VAL A 48 -37.94 -16.93 0.46
N MET A 49 -36.80 -17.05 -0.23
CA MET A 49 -36.70 -16.87 -1.68
C MET A 49 -37.08 -18.16 -2.39
N ASP A 50 -37.68 -18.02 -3.59
CA ASP A 50 -38.09 -19.14 -4.45
C ASP A 50 -36.94 -20.09 -4.76
N VAL A 51 -37.21 -21.41 -4.66
CA VAL A 51 -36.27 -22.53 -4.93
C VAL A 51 -35.57 -22.42 -6.30
N ASP A 52 -36.28 -21.93 -7.35
CA ASP A 52 -35.76 -21.78 -8.72
C ASP A 52 -34.61 -20.76 -8.87
N LEU A 53 -34.51 -19.80 -7.94
CA LEU A 53 -33.50 -18.73 -7.92
C LEU A 53 -32.07 -19.18 -7.53
N SER A 54 -31.98 -20.28 -6.75
CA SER A 54 -30.75 -20.89 -6.24
C SER A 54 -30.53 -22.34 -6.69
N THR A 55 -29.25 -22.78 -6.72
CA THR A 55 -28.84 -24.15 -7.08
C THR A 55 -27.79 -24.66 -6.09
N ALA A 56 -28.10 -25.76 -5.37
CA ALA A 56 -27.21 -26.36 -4.37
C ALA A 56 -26.58 -27.68 -4.83
N SER A 57 -25.49 -28.09 -4.17
CA SER A 57 -24.77 -29.34 -4.45
C SER A 57 -23.97 -29.78 -3.23
N THR A 58 -23.98 -31.09 -2.93
CA THR A 58 -23.22 -31.69 -1.82
C THR A 58 -22.18 -32.66 -2.38
N THR A 59 -20.94 -32.59 -1.87
CA THR A 59 -19.83 -33.47 -2.29
C THR A 59 -19.15 -34.07 -1.08
N GLN A 60 -18.98 -35.40 -1.07
CA GLN A 60 -18.28 -36.03 0.04
C GLN A 60 -16.89 -36.50 -0.38
N GLU A 61 -15.87 -36.05 0.37
CA GLU A 61 -14.47 -36.41 0.17
C GLU A 61 -13.87 -36.67 1.54
N GLY A 62 -13.59 -37.93 1.81
CA GLY A 62 -13.04 -38.40 3.07
C GLY A 62 -14.13 -38.58 4.11
N GLU A 63 -13.84 -38.12 5.32
CA GLU A 63 -14.71 -38.18 6.50
C GLU A 63 -15.64 -36.95 6.55
N LEU A 64 -15.48 -36.03 5.58
CA LEU A 64 -16.22 -34.78 5.56
C LEU A 64 -16.98 -34.52 4.26
N ALA A 65 -18.07 -33.74 4.39
CA ALA A 65 -18.94 -33.30 3.30
C ALA A 65 -18.78 -31.78 3.10
N SER A 66 -19.13 -31.29 1.90
CA SER A 66 -19.07 -29.86 1.56
C SER A 66 -20.23 -29.50 0.66
N THR A 67 -21.10 -28.65 1.16
CA THR A 67 -22.29 -28.19 0.43
C THR A 67 -22.13 -26.71 0.04
N GLN A 68 -22.63 -26.36 -1.15
CA GLN A 68 -22.65 -25.00 -1.67
C GLN A 68 -23.97 -24.69 -2.35
N SER A 69 -24.43 -23.43 -2.25
CA SER A 69 -25.64 -22.95 -2.91
C SER A 69 -25.35 -21.59 -3.55
N GLU A 70 -25.63 -21.46 -4.86
CA GLU A 70 -25.40 -20.22 -5.60
C GLU A 70 -26.72 -19.53 -5.90
N LEU A 71 -26.85 -18.26 -5.48
CA LEU A 71 -28.02 -17.41 -5.72
C LEU A 71 -27.64 -16.29 -6.71
N THR A 72 -28.42 -16.13 -7.78
CA THR A 72 -28.19 -15.09 -8.80
C THR A 72 -29.16 -13.93 -8.59
N LEU A 73 -28.60 -12.71 -8.49
CA LEU A 73 -29.37 -11.49 -8.29
C LEU A 73 -29.08 -10.52 -9.41
N SER A 74 -30.05 -9.63 -9.69
CA SER A 74 -29.86 -8.58 -10.68
C SER A 74 -29.07 -7.47 -10.00
N GLN A 75 -28.45 -6.60 -10.81
CA GLN A 75 -27.68 -5.45 -10.32
C GLN A 75 -28.60 -4.50 -9.52
N LYS A 76 -29.88 -4.32 -9.98
CA LYS A 76 -30.90 -3.48 -9.35
C LYS A 76 -31.20 -3.89 -7.91
N HIS A 77 -31.38 -5.21 -7.66
CA HIS A 77 -31.68 -5.76 -6.34
C HIS A 77 -30.53 -5.65 -5.37
N TRP A 78 -29.29 -5.85 -5.85
CA TRP A 78 -28.09 -5.75 -5.02
C TRP A 78 -27.86 -4.28 -4.59
N LEU A 79 -27.98 -3.34 -5.55
CA LEU A 79 -27.80 -1.91 -5.35
C LEU A 79 -28.94 -1.26 -4.56
N SER A 80 -30.07 -1.98 -4.37
CA SER A 80 -31.24 -1.49 -3.62
C SER A 80 -31.03 -1.58 -2.10
N ASP A 81 -29.88 -2.12 -1.67
CA ASP A 81 -29.49 -2.32 -0.27
C ASP A 81 -30.30 -3.41 0.49
N ARG A 82 -30.84 -4.41 -0.23
CA ARG A 82 -31.55 -5.54 0.36
C ARG A 82 -30.55 -6.47 1.01
N THR A 83 -30.94 -7.12 2.11
CA THR A 83 -30.09 -8.04 2.85
C THR A 83 -30.42 -9.45 2.42
N TYR A 84 -29.37 -10.23 2.16
CA TYR A 84 -29.48 -11.60 1.75
C TYR A 84 -28.90 -12.51 2.79
N THR A 85 -29.73 -13.41 3.32
CA THR A 85 -29.35 -14.36 4.36
C THR A 85 -29.30 -15.75 3.79
N CYS A 86 -28.28 -16.49 4.18
CA CYS A 86 -28.17 -17.89 3.83
C CYS A 86 -28.42 -18.69 5.11
N GLN A 87 -29.52 -19.44 5.14
CA GLN A 87 -29.96 -20.20 6.29
C GLN A 87 -29.69 -21.68 6.06
N VAL A 88 -28.78 -22.21 6.87
CA VAL A 88 -28.36 -23.59 6.82
C VAL A 88 -28.86 -24.30 8.06
N THR A 89 -29.69 -25.32 7.85
CA THR A 89 -30.25 -26.15 8.91
C THR A 89 -29.54 -27.50 8.78
N TYR A 90 -28.51 -27.69 9.61
CA TYR A 90 -27.70 -28.91 9.63
C TYR A 90 -28.08 -29.71 10.87
N GLN A 91 -28.53 -30.97 10.66
CA GLN A 91 -28.97 -31.87 11.73
C GLN A 91 -30.04 -31.20 12.63
N GLY A 92 -30.96 -30.46 12.01
CA GLY A 92 -32.03 -29.76 12.69
C GLY A 92 -31.63 -28.48 13.39
N HIS A 93 -30.36 -28.06 13.27
CA HIS A 93 -29.83 -26.86 13.90
C HIS A 93 -29.54 -25.78 12.86
N THR A 94 -30.04 -24.55 13.10
CA THR A 94 -29.87 -23.43 12.17
C THR A 94 -28.56 -22.67 12.37
N PHE A 95 -27.93 -22.37 11.23
CA PHE A 95 -26.67 -21.65 11.07
C PHE A 95 -26.97 -20.61 10.00
N GLU A 96 -26.74 -19.34 10.32
CA GLU A 96 -27.04 -18.24 9.41
C GLU A 96 -25.86 -17.32 9.15
N ASP A 97 -25.84 -16.75 7.95
CA ASP A 97 -24.85 -15.75 7.52
C ASP A 97 -25.59 -14.80 6.61
N SER A 98 -25.42 -13.50 6.82
CA SER A 98 -26.07 -12.44 6.06
C SER A 98 -25.08 -11.56 5.34
N THR A 99 -25.54 -10.93 4.27
CA THR A 99 -24.74 -10.02 3.43
C THR A 99 -25.63 -8.98 2.74
N LYS A 100 -25.03 -7.86 2.37
CA LYS A 100 -25.62 -6.77 1.59
C LYS A 100 -24.49 -5.94 0.95
N LYS A 101 -24.82 -5.08 -0.02
CA LYS A 101 -23.88 -4.20 -0.72
C LYS A 101 -23.02 -3.42 0.30
N CYS A 102 -21.70 -3.39 0.07
CA CYS A 102 -20.72 -2.68 0.88
C CYS A 102 -21.12 -1.22 1.02
N ALA A 103 -21.11 -0.69 2.26
CA ALA A 103 -21.46 0.68 2.62
C ALA A 103 -20.56 1.70 1.92
N CYS A 107 -16.77 8.69 -0.59
CA CYS A 107 -17.81 9.70 -0.67
C CYS A 107 -17.74 10.70 0.50
N ARG A 108 -17.82 12.00 0.18
CA ARG A 108 -17.78 13.14 1.12
C ARG A 108 -16.51 13.25 1.99
N GLY A 109 -15.41 12.70 1.47
CA GLY A 109 -14.11 12.71 2.15
C GLY A 109 -14.06 11.80 3.36
N SER A 111 -13.36 9.71 6.13
CA SER A 111 -12.33 8.65 6.13
C SER A 111 -11.94 8.22 7.53
N ALA A 112 -11.72 6.90 7.72
CA ALA A 112 -11.26 6.33 8.99
C ALA A 112 -10.17 5.27 8.79
N TYR A 113 -9.20 5.22 9.71
CA TYR A 113 -8.08 4.29 9.63
C TYR A 113 -7.86 3.54 10.94
N LEU A 114 -7.68 2.22 10.85
CA LEU A 114 -7.43 1.36 12.00
C LEU A 114 -6.10 0.62 11.88
N SER A 115 -5.16 0.93 12.79
CA SER A 115 -3.83 0.35 12.83
C SER A 115 -3.74 -0.90 13.71
N ARG A 116 -2.73 -1.75 13.45
CA ARG A 116 -2.39 -2.94 14.23
C ARG A 116 -1.41 -2.50 15.34
N PRO A 117 -1.19 -3.27 16.44
CA PRO A 117 -0.21 -2.84 17.44
C PRO A 117 1.19 -2.92 16.87
N SER A 118 2.08 -2.01 17.31
CA SER A 118 3.45 -1.96 16.83
C SER A 118 4.23 -3.12 17.44
N PRO A 119 5.10 -3.81 16.67
CA PRO A 119 5.89 -4.92 17.22
C PRO A 119 6.65 -4.61 18.51
N PHE A 120 7.12 -3.36 18.72
CA PHE A 120 7.82 -2.95 19.95
C PHE A 120 6.88 -3.02 21.15
N ASP A 121 5.65 -2.47 21.02
CA ASP A 121 4.64 -2.45 22.08
C ASP A 121 4.14 -3.87 22.42
N LEU A 122 3.95 -4.71 21.41
CA LEU A 122 3.48 -6.08 21.57
C LEU A 122 4.56 -6.97 22.22
N PHE A 123 5.82 -6.93 21.72
CA PHE A 123 6.91 -7.79 22.16
C PHE A 123 7.92 -7.26 23.16
N ILE A 124 8.25 -5.96 23.12
CA ILE A 124 9.26 -5.40 24.03
C ILE A 124 8.59 -4.82 25.26
N ARG A 125 7.77 -3.76 25.07
CA ARG A 125 7.01 -3.07 26.12
C ARG A 125 5.99 -4.01 26.75
N LYS A 126 5.44 -4.95 25.96
CA LYS A 126 4.43 -5.93 26.36
C LYS A 126 3.12 -5.24 26.81
N SER A 127 2.78 -4.15 26.10
CA SER A 127 1.57 -3.33 26.29
C SER A 127 1.09 -2.80 24.92
N PRO A 128 0.48 -3.68 24.09
CA PRO A 128 0.02 -3.25 22.77
C PRO A 128 -1.25 -2.39 22.80
N THR A 129 -1.39 -1.53 21.78
CA THR A 129 -2.54 -0.64 21.58
C THR A 129 -2.90 -0.57 20.10
N ILE A 130 -4.19 -0.34 19.78
CA ILE A 130 -4.67 -0.16 18.41
C ILE A 130 -5.25 1.23 18.31
N THR A 131 -5.02 1.92 17.18
CA THR A 131 -5.49 3.29 17.01
C THR A 131 -6.50 3.48 15.88
N CYS A 132 -7.66 4.06 16.22
CA CYS A 132 -8.67 4.42 15.23
C CYS A 132 -8.57 5.91 15.00
N LEU A 133 -8.17 6.29 13.78
CA LEU A 133 -8.05 7.67 13.35
C LEU A 133 -9.16 8.01 12.34
N VAL A 134 -10.04 8.97 12.68
CA VAL A 134 -11.12 9.42 11.81
C VAL A 134 -10.75 10.82 11.31
N VAL A 135 -10.55 10.98 9.99
CA VAL A 135 -10.13 12.26 9.37
C VAL A 135 -11.16 12.83 8.36
N ASP A 136 -10.72 13.83 7.55
CA ASP A 136 -11.40 14.51 6.44
C ASP A 136 -12.87 14.92 6.69
N LEU A 137 -13.19 15.33 7.92
CA LEU A 137 -14.55 15.76 8.26
C LEU A 137 -14.72 17.27 8.33
N ALA A 138 -15.88 17.75 7.87
CA ALA A 138 -16.25 19.17 7.83
C ALA A 138 -16.79 19.64 9.19
N PRO A 139 -16.54 20.92 9.58
CA PRO A 139 -17.07 21.39 10.88
C PRO A 139 -18.59 21.54 10.87
N SER A 140 -19.26 20.73 11.70
CA SER A 140 -20.71 20.69 11.85
C SER A 140 -21.09 20.38 13.29
N LYS A 141 -22.22 20.95 13.77
CA LYS A 141 -22.72 20.76 15.13
C LYS A 141 -23.14 19.30 15.42
N GLY A 142 -22.45 18.70 16.38
CA GLY A 142 -22.64 17.32 16.81
C GLY A 142 -21.33 16.57 16.91
N THR A 143 -21.13 15.85 18.04
CA THR A 143 -19.92 15.07 18.33
C THR A 143 -19.77 13.81 17.47
N VAL A 144 -18.53 13.29 17.37
CA VAL A 144 -18.20 12.08 16.61
C VAL A 144 -17.80 10.96 17.59
N GLN A 145 -18.70 9.98 17.76
CA GLN A 145 -18.50 8.85 18.69
C GLN A 145 -17.80 7.65 18.05
N LEU A 146 -16.79 7.11 18.76
CA LEU A 146 -15.98 5.96 18.38
C LEU A 146 -16.20 4.86 19.41
N THR A 147 -16.72 3.70 18.97
CA THR A 147 -17.01 2.57 19.85
C THR A 147 -16.20 1.35 19.43
N TRP A 148 -15.51 0.74 20.41
CA TRP A 148 -14.69 -0.45 20.23
C TRP A 148 -15.47 -1.70 20.61
N SER A 149 -15.18 -2.81 19.93
CA SER A 149 -15.79 -4.12 20.19
C SER A 149 -14.87 -5.27 19.70
N ARG A 150 -15.09 -6.48 20.25
CA ARG A 150 -14.34 -7.69 19.89
C ARG A 150 -15.28 -8.66 19.20
N ALA A 151 -14.79 -9.40 18.18
CA ALA A 151 -15.57 -10.37 17.42
C ALA A 151 -16.14 -11.49 18.31
N SER A 152 -15.44 -11.80 19.42
CA SER A 152 -15.82 -12.81 20.41
C SER A 152 -16.92 -12.32 21.37
N GLY A 153 -17.12 -11.00 21.42
CA GLY A 153 -18.10 -10.38 22.30
C GLY A 153 -17.56 -10.15 23.70
N LYS A 154 -16.28 -10.50 23.91
CA LYS A 154 -15.57 -10.35 25.19
C LYS A 154 -15.33 -8.86 25.50
N PRO A 155 -15.19 -8.46 26.79
CA PRO A 155 -15.05 -7.02 27.08
C PRO A 155 -13.75 -6.38 26.58
N VAL A 156 -13.85 -5.08 26.25
CA VAL A 156 -12.74 -4.23 25.81
C VAL A 156 -12.37 -3.30 26.98
N ASN A 157 -11.14 -2.77 27.01
CA ASN A 157 -10.71 -1.82 28.05
C ASN A 157 -11.22 -0.42 27.67
N HIS A 158 -10.96 0.57 28.53
CA HIS A 158 -11.32 1.94 28.22
C HIS A 158 -10.23 2.54 27.33
N SER A 159 -10.67 3.29 26.32
CA SER A 159 -9.83 3.90 25.32
C SER A 159 -9.60 5.39 25.57
N THR A 160 -8.64 6.00 24.83
CA THR A 160 -8.35 7.43 24.93
C THR A 160 -9.19 8.20 23.89
N ARG A 161 -9.29 9.53 24.02
CA ARG A 161 -10.05 10.36 23.09
C ARG A 161 -9.34 11.67 22.81
N LYS A 162 -8.69 11.79 21.64
CA LYS A 162 -7.99 13.02 21.26
C LYS A 162 -8.70 13.66 20.07
N GLU A 163 -9.06 14.94 20.21
CA GLU A 163 -9.71 15.72 19.17
C GLU A 163 -8.79 16.90 18.84
N GLU A 164 -8.46 17.05 17.56
CA GLU A 164 -7.58 18.13 17.12
C GLU A 164 -8.18 18.94 15.99
N LYS A 165 -8.18 20.27 16.14
CA LYS A 165 -8.66 21.19 15.13
C LYS A 165 -7.44 21.49 14.26
N GLN A 166 -7.45 21.02 13.00
CA GLN A 166 -6.34 21.21 12.08
C GLN A 166 -6.32 22.63 11.48
N ARG A 167 -5.20 23.03 10.87
CA ARG A 167 -5.00 24.35 10.24
C ARG A 167 -6.00 24.62 9.12
N ASN A 168 -6.35 23.57 8.34
CA ASN A 168 -7.30 23.62 7.22
C ASN A 168 -8.78 23.56 7.65
N GLY A 169 -9.03 23.63 8.96
CA GLY A 169 -10.37 23.62 9.53
C GLY A 169 -11.01 22.25 9.66
N THR A 170 -10.24 21.18 9.42
CA THR A 170 -10.74 19.80 9.54
C THR A 170 -10.47 19.28 10.96
N LEU A 171 -11.16 18.20 11.35
CA LEU A 171 -11.01 17.59 12.67
C LEU A 171 -10.58 16.14 12.57
N THR A 172 -9.70 15.73 13.50
CA THR A 172 -9.19 14.36 13.62
C THR A 172 -9.58 13.82 15.00
N VAL A 173 -10.29 12.68 15.03
CA VAL A 173 -10.73 12.03 16.25
C VAL A 173 -9.92 10.74 16.40
N THR A 174 -8.97 10.74 17.36
CA THR A 174 -8.05 9.64 17.64
C THR A 174 -8.49 8.88 18.89
N SER A 175 -8.69 7.56 18.74
CA SER A 175 -9.03 6.67 19.85
C SER A 175 -7.97 5.60 19.90
N THR A 176 -7.37 5.40 21.08
CA THR A 176 -6.35 4.38 21.27
C THR A 176 -6.87 3.34 22.24
N LEU A 177 -7.03 2.11 21.76
CA LEU A 177 -7.53 1.03 22.60
C LEU A 177 -6.43 0.07 23.05
N PRO A 178 -6.25 -0.10 24.37
CA PRO A 178 -5.28 -1.10 24.85
C PRO A 178 -5.85 -2.51 24.67
N VAL A 179 -5.05 -3.39 24.07
CA VAL A 179 -5.42 -4.78 23.80
C VAL A 179 -4.50 -5.70 24.59
N GLY A 180 -4.93 -6.97 24.72
CA GLY A 180 -4.15 -7.99 25.38
C GLY A 180 -3.13 -8.59 24.43
N THR A 181 -1.92 -8.85 24.94
CA THR A 181 -0.80 -9.44 24.19
C THR A 181 -1.24 -10.85 23.74
N ARG A 182 -1.73 -11.64 24.71
CA ARG A 182 -2.24 -13.00 24.51
C ARG A 182 -3.45 -13.02 23.57
N ASP A 183 -4.34 -12.02 23.70
CA ASP A 183 -5.57 -11.83 22.91
C ASP A 183 -5.27 -11.58 21.43
N TRP A 184 -4.31 -10.65 21.14
CA TRP A 184 -3.91 -10.29 19.77
C TRP A 184 -3.26 -11.47 19.07
N ILE A 185 -2.26 -12.11 19.74
CA ILE A 185 -1.49 -13.26 19.23
C ILE A 185 -2.38 -14.48 18.95
N GLU A 186 -3.47 -14.65 19.74
CA GLU A 186 -4.41 -15.76 19.54
C GLU A 186 -5.44 -15.51 18.41
N GLY A 187 -5.32 -14.36 17.75
CA GLY A 187 -6.15 -14.00 16.60
C GLY A 187 -7.48 -13.31 16.85
N GLU A 188 -7.57 -12.46 17.88
CA GLU A 188 -8.79 -11.71 18.16
C GLU A 188 -8.95 -10.61 17.10
N THR A 189 -10.21 -10.31 16.72
CA THR A 189 -10.54 -9.26 15.77
C THR A 189 -11.16 -8.10 16.54
N TYR A 190 -10.56 -6.92 16.41
CA TYR A 190 -11.01 -5.71 17.06
C TYR A 190 -11.70 -4.79 16.06
N GLN A 191 -12.92 -4.34 16.37
CA GLN A 191 -13.71 -3.46 15.50
C GLN A 191 -13.90 -2.08 16.14
N CYS A 192 -13.91 -1.02 15.30
CA CYS A 192 -14.18 0.34 15.76
C CYS A 192 -15.25 1.03 14.93
N ARG A 193 -16.45 1.16 15.51
CA ARG A 193 -17.63 1.80 14.91
C ARG A 193 -17.56 3.31 15.07
N VAL A 194 -17.79 4.04 13.97
CA VAL A 194 -17.78 5.50 13.93
C VAL A 194 -19.20 6.02 13.64
N THR A 195 -19.94 6.34 14.72
CA THR A 195 -21.28 6.89 14.61
C THR A 195 -21.15 8.40 14.39
N HIS A 196 -21.48 8.86 13.17
CA HIS A 196 -21.40 10.26 12.73
C HIS A 196 -22.80 10.77 12.32
N PRO A 197 -23.25 11.96 12.79
CA PRO A 197 -24.59 12.44 12.39
C PRO A 197 -24.70 12.87 10.92
N HIS A 198 -23.64 13.52 10.37
CA HIS A 198 -23.56 13.99 8.98
C HIS A 198 -23.63 12.80 8.00
N LEU A 199 -23.49 11.27 8.40
CA LEU A 199 -23.35 10.01 7.67
C LEU A 199 -24.55 9.16 7.95
N PRO A 200 -24.73 9.03 7.04
CA PRO A 200 -25.94 8.29 7.33
C PRO A 200 -25.75 7.09 8.23
N ARG A 201 -24.81 6.25 7.88
CA ARG A 201 -24.65 5.01 8.62
C ARG A 201 -23.24 4.83 8.98
N ALA A 202 -23.05 4.01 10.00
CA ALA A 202 -21.76 3.89 10.68
C ALA A 202 -20.62 3.48 9.76
N LEU A 203 -19.42 4.02 10.04
CA LEU A 203 -18.18 3.73 9.32
C LEU A 203 -17.38 2.79 10.21
N MET A 204 -17.48 1.47 9.98
CA MET A 204 -16.78 0.48 10.80
C MET A 204 -15.51 -0.07 10.16
N ARG A 205 -14.43 -0.11 10.96
CA ARG A 205 -13.11 -0.62 10.59
C ARG A 205 -12.72 -1.71 11.57
N SER A 206 -12.12 -2.80 11.05
CA SER A 206 -11.70 -3.94 11.88
C SER A 206 -10.25 -4.35 11.62
N THR A 207 -9.56 -4.78 12.68
CA THR A 207 -8.15 -5.21 12.62
C THR A 207 -7.96 -6.55 13.34
N THR A 208 -6.97 -7.34 12.87
CA THR A 208 -6.60 -8.66 13.38
C THR A 208 -5.15 -8.97 12.95
N LYS A 209 -4.48 -9.91 13.63
CA LYS A 209 -3.10 -10.30 13.28
C LYS A 209 -2.99 -10.81 11.83
N THR A 210 -1.78 -10.73 11.23
CA THR A 210 -1.45 -11.19 9.89
C THR A 210 -1.86 -12.64 9.60
N SER A 211 -2.29 -12.92 8.35
CA SER A 211 -2.75 -14.23 7.91
C SER A 211 -1.65 -15.09 7.26
N GLY A 212 -0.98 -14.52 6.25
CA GLY A 212 0.04 -15.17 5.43
C GLY A 212 1.37 -15.52 6.06
N PRO A 213 2.41 -15.72 5.21
CA PRO A 213 3.73 -16.12 5.73
C PRO A 213 4.47 -15.06 6.51
N ARG A 214 5.37 -15.55 7.37
CA ARG A 214 6.25 -14.79 8.24
C ARG A 214 7.67 -15.03 7.80
N ALA A 215 8.41 -13.95 7.56
CA ALA A 215 9.82 -14.00 7.19
C ALA A 215 10.57 -12.95 7.98
N ALA A 216 11.60 -13.39 8.70
CA ALA A 216 12.42 -12.56 9.57
C ALA A 216 13.21 -11.53 8.76
N PRO A 217 13.44 -10.32 9.31
CA PRO A 217 14.19 -9.31 8.55
C PRO A 217 15.71 -9.50 8.52
N GLU A 218 16.34 -8.91 7.51
CA GLU A 218 17.77 -8.86 7.33
C GLU A 218 18.16 -7.43 7.69
N VAL A 219 19.10 -7.27 8.63
CA VAL A 219 19.53 -5.95 9.12
C VAL A 219 20.98 -5.69 8.67
N TYR A 220 21.21 -4.53 8.02
CA TYR A 220 22.52 -4.09 7.54
C TYR A 220 22.68 -2.63 7.93
N ALA A 221 23.78 -2.31 8.61
CA ALA A 221 24.06 -0.98 9.08
C ALA A 221 25.34 -0.46 8.41
N PHE A 222 25.29 0.77 7.92
CA PHE A 222 26.40 1.43 7.24
C PHE A 222 26.67 2.80 7.88
N ALA A 223 27.92 3.26 7.79
CA ALA A 223 28.37 4.58 8.28
C ALA A 223 28.96 5.29 7.10
N THR A 224 28.55 6.56 6.89
CA THR A 224 29.04 7.33 5.75
C THR A 224 30.50 7.73 5.99
N PRO A 225 31.35 7.80 4.93
CA PRO A 225 32.73 8.30 5.15
C PRO A 225 32.73 9.80 5.42
N GLU A 226 33.84 10.38 5.86
CA GLU A 226 33.86 11.82 6.09
C GLU A 226 33.67 12.59 4.77
N TRP A 227 32.70 13.54 4.77
CA TRP A 227 32.39 14.41 3.63
C TRP A 227 33.07 15.77 3.90
N PRO A 228 33.77 16.39 2.90
CA PRO A 228 34.45 17.68 3.16
C PRO A 228 33.56 18.77 3.75
N GLY A 229 33.88 19.16 4.99
CA GLY A 229 33.14 20.15 5.76
C GLY A 229 32.49 19.61 7.03
N SER A 230 31.98 18.35 6.99
CA SER A 230 31.30 17.70 8.12
C SER A 230 32.22 16.68 8.83
N ARG A 231 33.31 17.19 9.42
CA ARG A 231 34.37 16.46 10.12
C ARG A 231 33.97 15.86 11.50
N ASP A 232 33.02 16.49 12.21
CA ASP A 232 32.60 16.15 13.57
C ASP A 232 31.22 15.50 13.74
N LYS A 233 30.66 15.07 12.63
CA LYS A 233 29.38 14.37 12.59
C LYS A 233 29.42 13.31 11.49
N ARG A 234 28.63 12.24 11.64
CA ARG A 234 28.52 11.16 10.65
C ARG A 234 27.10 10.72 10.59
N THR A 235 26.72 10.17 9.45
CA THR A 235 25.40 9.64 9.26
C THR A 235 25.52 8.14 9.21
N LEU A 236 24.63 7.47 9.96
CA LEU A 236 24.49 6.02 10.01
C LEU A 236 23.18 5.67 9.31
N ALA A 237 23.26 4.71 8.40
CA ALA A 237 22.13 4.25 7.65
C ALA A 237 21.91 2.79 7.92
N CYS A 238 20.66 2.39 7.92
CA CYS A 238 20.32 1.00 8.18
C CYS A 238 19.29 0.52 7.21
N LEU A 239 19.53 -0.63 6.59
CA LEU A 239 18.62 -1.26 5.65
C LEU A 239 18.08 -2.53 6.28
N ILE A 240 16.78 -2.52 6.58
CA ILE A 240 16.04 -3.63 7.15
C ILE A 240 15.14 -4.12 6.05
N GLN A 241 15.38 -5.34 5.55
CA GLN A 241 14.63 -5.83 4.39
C GLN A 241 14.23 -7.29 4.46
N ASN A 242 13.43 -7.71 3.46
CA ASN A 242 12.94 -9.09 3.24
C ASN A 242 12.15 -9.68 4.40
N PHE A 243 11.41 -8.81 5.08
CA PHE A 243 10.59 -9.22 6.19
C PHE A 243 9.13 -9.34 5.76
N MET A 244 8.42 -10.28 6.38
CA MET A 244 6.99 -10.54 6.15
C MET A 244 6.36 -10.87 7.49
N PRO A 245 5.29 -10.17 7.91
CA PRO A 245 4.60 -9.05 7.23
C PRO A 245 5.30 -7.70 7.40
N GLU A 246 4.72 -6.62 6.83
CA GLU A 246 5.28 -5.27 6.85
C GLU A 246 5.44 -4.61 8.22
N ASP A 247 4.72 -5.11 9.24
CA ASP A 247 4.74 -4.56 10.60
C ASP A 247 6.11 -4.71 11.24
N ILE A 248 6.81 -3.58 11.40
CA ILE A 248 8.15 -3.54 12.00
C ILE A 248 8.38 -2.30 12.89
N SER A 249 9.23 -2.44 13.91
CA SER A 249 9.64 -1.37 14.82
C SER A 249 11.15 -1.30 14.76
N VAL A 250 11.70 -0.10 14.68
CA VAL A 250 13.13 0.12 14.56
C VAL A 250 13.62 0.98 15.73
N GLN A 251 14.73 0.59 16.36
CA GLN A 251 15.37 1.35 17.42
C GLN A 251 16.87 1.43 17.20
N TRP A 252 17.49 2.50 17.71
CA TRP A 252 18.93 2.72 17.65
C TRP A 252 19.46 2.75 19.07
N LEU A 253 20.47 1.94 19.33
CA LEU A 253 21.05 1.84 20.67
C LEU A 253 22.50 2.30 20.68
N HIS A 254 22.87 3.12 21.67
CA HIS A 254 24.24 3.58 21.89
C HIS A 254 24.58 3.62 23.35
N ASN A 255 25.68 2.93 23.75
CA ASN A 255 26.22 2.88 25.11
C ASN A 255 25.21 2.29 26.11
N GLU A 256 24.61 1.13 25.75
CA GLU A 256 23.60 0.42 26.54
C GLU A 256 22.31 1.25 26.75
N VAL A 257 22.14 2.32 25.95
CA VAL A 257 21.00 3.24 26.01
C VAL A 257 20.22 3.20 24.70
N GLN A 258 18.88 3.23 24.79
CA GLN A 258 17.98 3.31 23.65
C GLN A 258 17.83 4.79 23.37
N LEU A 259 18.25 5.23 22.18
CA LEU A 259 18.15 6.64 21.80
C LEU A 259 16.68 7.05 21.60
N PRO A 260 16.33 8.34 21.84
CA PRO A 260 14.94 8.77 21.60
C PRO A 260 14.54 8.59 20.15
N ASP A 261 13.25 8.40 19.87
CA ASP A 261 12.74 8.24 18.50
C ASP A 261 12.94 9.49 17.64
N ALA A 262 13.04 10.66 18.30
CA ALA A 262 13.27 11.98 17.71
C ALA A 262 14.65 12.08 17.05
N ARG A 263 15.62 11.27 17.50
CA ARG A 263 16.99 11.26 16.98
C ARG A 263 17.12 10.68 15.58
N HIS A 264 16.20 9.76 15.17
CA HIS A 264 16.24 9.08 13.87
C HIS A 264 14.96 9.09 13.04
N SER A 265 15.12 8.95 11.70
CA SER A 265 14.03 8.88 10.73
C SER A 265 14.00 7.49 10.09
N THR A 266 12.85 6.84 10.16
CA THR A 266 12.64 5.54 9.52
C THR A 266 11.62 5.70 8.39
N THR A 267 11.87 5.08 7.24
CA THR A 267 10.95 5.18 6.10
C THR A 267 9.75 4.23 6.29
N GLN A 268 8.71 4.36 5.46
CA GLN A 268 7.53 3.49 5.52
C GLN A 268 7.88 2.20 4.79
N PRO A 269 7.31 1.04 5.18
CA PRO A 269 7.63 -0.21 4.47
C PRO A 269 7.17 -0.24 3.01
N ARG A 270 8.11 -0.53 2.11
CA ARG A 270 7.90 -0.61 0.66
C ARG A 270 8.22 -2.04 0.23
N LYS A 271 7.61 -2.51 -0.87
CA LYS A 271 7.84 -3.87 -1.34
C LYS A 271 9.20 -4.05 -1.99
N THR A 272 9.81 -5.24 -1.83
CA THR A 272 11.05 -5.58 -2.53
C THR A 272 10.59 -6.14 -3.89
N LYS A 273 11.52 -6.42 -4.82
CA LYS A 273 11.15 -6.93 -6.14
C LYS A 273 10.72 -8.40 -6.09
N GLY A 274 11.28 -9.13 -5.14
CA GLY A 274 10.96 -10.53 -4.94
C GLY A 274 9.81 -10.67 -3.98
N SER A 275 10.13 -11.05 -2.74
CA SER A 275 9.17 -11.23 -1.65
C SER A 275 9.63 -10.47 -0.40
N GLY A 276 8.67 -9.89 0.31
CA GLY A 276 8.92 -9.14 1.54
C GLY A 276 9.04 -7.65 1.33
N PHE A 277 9.14 -6.92 2.46
CA PHE A 277 9.24 -5.47 2.49
C PHE A 277 10.62 -5.00 2.90
N PHE A 278 10.85 -3.68 2.80
CA PHE A 278 12.10 -3.04 3.22
C PHE A 278 11.83 -1.66 3.83
N VAL A 279 12.71 -1.27 4.74
CA VAL A 279 12.69 0.00 5.43
C VAL A 279 14.14 0.49 5.56
N PHE A 280 14.33 1.80 5.58
CA PHE A 280 15.64 2.41 5.80
C PHE A 280 15.53 3.26 7.06
N SER A 281 16.59 3.29 7.87
CA SER A 281 16.65 4.11 9.06
C SER A 281 17.90 4.97 9.01
N ARG A 282 17.77 6.25 9.37
CA ARG A 282 18.86 7.20 9.31
C ARG A 282 19.10 7.83 10.68
N LEU A 283 20.34 7.74 11.17
CA LEU A 283 20.74 8.32 12.44
C LEU A 283 22.00 9.15 12.29
N GLU A 284 21.92 10.43 12.68
CA GLU A 284 23.05 11.36 12.69
C GLU A 284 23.70 11.26 14.07
N VAL A 285 25.01 11.01 14.09
CA VAL A 285 25.78 10.88 15.32
C VAL A 285 26.88 11.91 15.36
N THR A 286 27.31 12.30 16.57
CA THR A 286 28.37 13.31 16.79
C THR A 286 29.69 12.67 17.26
N ARG A 287 30.81 13.41 17.07
CA ARG A 287 32.15 13.00 17.52
C ARG A 287 32.17 12.59 19.00
N ALA A 288 31.48 13.34 19.87
CA ALA A 288 31.39 13.05 21.29
C ALA A 288 30.79 11.68 21.58
N GLU A 289 29.80 11.24 20.77
CA GLU A 289 29.14 9.93 20.94
C GLU A 289 30.06 8.79 20.51
N TRP A 290 30.67 8.88 19.29
CA TRP A 290 31.58 7.84 18.83
C TRP A 290 32.91 7.78 19.58
N GLU A 291 33.38 8.91 20.14
CA GLU A 291 34.58 8.94 20.95
C GLU A 291 34.31 8.37 22.36
N GLN A 292 33.03 8.35 22.79
CA GLN A 292 32.60 7.76 24.06
C GLN A 292 32.60 6.24 23.93
N LYS A 293 31.91 5.72 22.90
CA LYS A 293 31.79 4.29 22.57
C LYS A 293 31.48 4.24 21.09
N ASP A 294 32.40 3.65 20.31
CA ASP A 294 32.25 3.57 18.85
C ASP A 294 31.51 2.31 18.43
N GLU A 295 30.21 2.25 18.80
CA GLU A 295 29.31 1.15 18.46
C GLU A 295 27.88 1.66 18.60
N PHE A 296 27.19 1.64 17.49
CA PHE A 296 25.81 2.07 17.42
C PHE A 296 25.06 0.87 16.84
N ILE A 297 24.02 0.43 17.55
CA ILE A 297 23.26 -0.73 17.13
C ILE A 297 21.92 -0.33 16.54
N CYS A 298 21.61 -0.91 15.38
CA CYS A 298 20.33 -0.72 14.74
C CYS A 298 19.56 -2.01 14.99
N ARG A 299 18.44 -1.89 15.72
CA ARG A 299 17.60 -3.03 16.10
C ARG A 299 16.23 -2.98 15.48
N ALA A 300 15.79 -4.11 14.94
CA ALA A 300 14.49 -4.30 14.33
C ALA A 300 13.69 -5.26 15.19
N VAL A 301 12.48 -4.87 15.58
CA VAL A 301 11.55 -5.70 16.33
C VAL A 301 10.48 -6.19 15.34
N HIS A 302 10.46 -7.52 15.09
CA HIS A 302 9.56 -8.14 14.13
C HIS A 302 9.06 -9.48 14.67
N GLU A 303 7.77 -9.81 14.42
CA GLU A 303 7.13 -11.05 14.87
C GLU A 303 7.81 -12.36 14.44
N ALA A 304 8.44 -12.38 13.26
CA ALA A 304 9.12 -13.54 12.69
C ALA A 304 10.59 -13.70 13.15
N ALA A 305 11.11 -12.73 13.91
CA ALA A 305 12.48 -12.78 14.38
C ALA A 305 12.64 -13.71 15.59
N SER A 306 13.62 -14.60 15.52
CA SER A 306 13.89 -15.57 16.59
C SER A 306 15.23 -15.32 17.29
N PRO A 307 15.35 -15.56 18.61
CA PRO A 307 14.32 -16.13 19.52
C PRO A 307 13.43 -15.12 20.26
N SER A 308 13.77 -13.81 20.22
CA SER A 308 13.05 -12.82 21.00
C SER A 308 12.44 -11.67 20.19
N GLN A 309 11.91 -11.96 18.99
CA GLN A 309 11.28 -10.98 18.10
C GLN A 309 12.19 -9.80 17.76
N THR A 310 13.52 -10.00 17.83
CA THR A 310 14.55 -9.00 17.59
C THR A 310 15.67 -9.52 16.67
N VAL A 311 16.19 -8.63 15.82
CA VAL A 311 17.34 -8.80 14.93
C VAL A 311 18.07 -7.46 14.89
N GLN A 312 19.39 -7.48 15.09
CA GLN A 312 20.17 -6.25 15.15
C GLN A 312 21.54 -6.35 14.47
N ARG A 313 22.13 -5.18 14.16
CA ARG A 313 23.45 -5.07 13.54
C ARG A 313 24.12 -3.80 14.06
N ALA A 314 25.36 -3.95 14.54
CA ALA A 314 26.16 -2.83 15.03
C ALA A 314 26.97 -2.18 13.89
N VAL A 315 27.27 -0.89 14.06
CA VAL A 315 28.10 -0.11 13.14
C VAL A 315 29.05 0.80 13.92
N SER A 316 30.30 0.87 13.46
CA SER A 316 31.32 1.74 14.03
C SER A 316 31.70 2.74 12.96
N VAL A 317 31.88 3.99 13.36
CA VAL A 317 32.27 5.10 12.50
C VAL A 317 33.69 4.84 11.96
N ASN A 318 34.64 4.48 12.85
CA ASN A 318 36.02 4.22 12.50
C ASN A 318 36.34 2.72 12.42
N PRO A 319 37.13 2.29 11.38
CA PRO A 319 37.49 0.87 11.28
C PRO A 319 38.58 0.47 12.27
N PRO B 4 -11.78 -24.84 -23.35
CA PRO B 4 -10.88 -23.79 -22.87
C PRO B 4 -11.18 -23.35 -21.42
N PRO B 5 -10.17 -22.86 -20.67
CA PRO B 5 -10.43 -22.46 -19.27
C PRO B 5 -11.15 -21.14 -19.14
N THR B 6 -12.08 -21.06 -18.17
CA THR B 6 -12.86 -19.86 -17.89
C THR B 6 -12.41 -19.30 -16.54
N VAL B 7 -12.00 -18.03 -16.53
CA VAL B 7 -11.52 -17.38 -15.32
C VAL B 7 -12.50 -16.36 -14.70
N LYS B 8 -12.86 -16.58 -13.42
CA LYS B 8 -13.75 -15.70 -12.65
C LYS B 8 -13.25 -15.52 -11.20
N ILE B 9 -13.45 -14.31 -10.64
CA ILE B 9 -13.03 -13.97 -9.27
C ILE B 9 -14.23 -13.74 -8.36
N LEU B 10 -14.17 -14.36 -7.18
CA LEU B 10 -15.16 -14.24 -6.14
C LEU B 10 -14.47 -13.61 -4.94
N GLN B 11 -15.20 -12.78 -4.19
CA GLN B 11 -14.63 -12.12 -3.02
C GLN B 11 -15.45 -12.38 -1.76
N SER B 12 -14.82 -12.14 -0.59
CA SER B 12 -15.44 -12.21 0.73
C SER B 12 -16.59 -11.19 0.73
N SER B 13 -17.74 -11.61 1.23
CA SER B 13 -18.91 -10.76 1.32
C SER B 13 -18.81 -9.82 2.53
N CYS B 14 -19.56 -8.73 2.51
CA CYS B 14 -19.67 -7.81 3.63
C CYS B 14 -20.72 -8.38 4.57
N ASP B 15 -20.72 -7.97 5.86
CA ASP B 15 -21.71 -8.46 6.81
C ASP B 15 -23.13 -7.93 6.52
N GLY B 16 -24.07 -8.21 7.41
CA GLY B 16 -25.45 -7.75 7.29
C GLY B 16 -25.65 -6.25 7.29
N GLY B 17 -24.69 -5.52 7.88
CA GLY B 17 -24.69 -4.06 7.95
C GLY B 17 -23.89 -3.38 6.85
N GLY B 18 -23.33 -4.19 5.96
CA GLY B 18 -22.52 -3.72 4.83
C GLY B 18 -21.07 -3.45 5.18
N HIS B 19 -20.57 -4.01 6.31
CA HIS B 19 -19.18 -3.79 6.71
C HIS B 19 -18.23 -4.86 6.24
N PHE B 20 -17.03 -4.44 5.84
CA PHE B 20 -15.97 -5.33 5.37
C PHE B 20 -15.43 -6.23 6.48
N PRO B 21 -15.07 -7.51 6.19
CA PRO B 21 -14.45 -8.36 7.23
C PRO B 21 -13.02 -7.90 7.54
N PRO B 22 -12.34 -8.37 8.63
CA PRO B 22 -10.96 -7.91 8.89
C PRO B 22 -9.96 -8.21 7.76
N THR B 23 -10.19 -9.32 7.02
CA THR B 23 -9.39 -9.74 5.87
C THR B 23 -10.31 -10.06 4.69
N ILE B 24 -9.87 -9.70 3.48
CA ILE B 24 -10.60 -9.94 2.25
C ILE B 24 -9.96 -11.11 1.52
N GLN B 25 -10.76 -12.11 1.18
CA GLN B 25 -10.28 -13.27 0.43
C GLN B 25 -10.79 -13.13 -1.01
N LEU B 26 -9.87 -13.15 -1.98
CA LEU B 26 -10.17 -13.12 -3.41
C LEU B 26 -9.94 -14.52 -3.92
N LEU B 27 -11.00 -15.19 -4.37
CA LEU B 27 -10.93 -16.56 -4.85
C LEU B 27 -11.03 -16.63 -6.36
N CYS B 28 -9.95 -17.05 -7.01
CA CYS B 28 -9.94 -17.19 -8.47
C CYS B 28 -10.34 -18.59 -8.88
N LEU B 29 -11.32 -18.69 -9.80
CA LEU B 29 -11.83 -19.97 -10.27
C LEU B 29 -11.58 -20.19 -11.74
N VAL B 30 -10.88 -21.28 -12.05
CA VAL B 30 -10.57 -21.76 -13.39
C VAL B 30 -11.36 -23.07 -13.49
N SER B 31 -12.70 -22.96 -13.68
CA SER B 31 -13.64 -24.08 -13.71
C SER B 31 -13.96 -24.66 -15.08
N GLY B 32 -14.13 -25.98 -15.11
CA GLY B 32 -14.49 -26.77 -16.29
C GLY B 32 -13.59 -26.62 -17.49
N TYR B 33 -12.37 -27.19 -17.42
CA TYR B 33 -11.38 -27.16 -18.50
C TYR B 33 -10.74 -28.54 -18.76
N THR B 34 -10.28 -28.78 -20.01
CA THR B 34 -9.60 -30.01 -20.44
C THR B 34 -8.29 -30.12 -19.64
N PRO B 35 -8.00 -31.26 -18.96
CA PRO B 35 -6.76 -31.34 -18.16
C PRO B 35 -5.48 -31.07 -18.94
N GLY B 36 -4.62 -30.26 -18.33
CA GLY B 36 -3.33 -29.87 -18.89
C GLY B 36 -2.49 -29.11 -17.89
N THR B 37 -1.36 -28.55 -18.37
CA THR B 37 -0.44 -27.77 -17.55
C THR B 37 -1.07 -26.41 -17.23
N ILE B 38 -1.18 -26.08 -15.93
CA ILE B 38 -1.78 -24.84 -15.47
C ILE B 38 -0.90 -24.11 -14.42
N GLN B 39 -0.90 -22.76 -14.48
CA GLN B 39 -0.15 -21.91 -13.56
C GLN B 39 -0.90 -20.59 -13.31
N ILE B 40 -1.27 -20.35 -12.04
CA ILE B 40 -2.03 -19.17 -11.60
C ILE B 40 -1.07 -18.20 -10.89
N THR B 41 -1.07 -16.94 -11.30
CA THR B 41 -0.26 -15.90 -10.68
C THR B 41 -1.17 -14.73 -10.30
N TRP B 42 -0.93 -14.15 -9.11
CA TRP B 42 -1.69 -13.00 -8.62
C TRP B 42 -0.86 -11.75 -8.82
N LEU B 43 -1.49 -10.67 -9.31
CA LEU B 43 -0.83 -9.39 -9.52
C LEU B 43 -1.48 -8.31 -8.66
N GLU B 44 -0.65 -7.46 -8.02
CA GLU B 44 -1.08 -6.32 -7.21
C GLU B 44 -0.57 -5.11 -7.99
N ASP B 45 -1.50 -4.40 -8.68
CA ASP B 45 -1.20 -3.25 -9.54
C ASP B 45 -0.17 -3.59 -10.64
N GLY B 46 -0.43 -4.69 -11.35
CA GLY B 46 0.41 -5.19 -12.45
C GLY B 46 1.74 -5.80 -12.07
N GLN B 47 1.97 -6.03 -10.75
CA GLN B 47 3.21 -6.60 -10.23
C GLN B 47 2.96 -7.96 -9.61
N VAL B 48 3.84 -8.94 -9.91
CA VAL B 48 3.74 -10.31 -9.44
C VAL B 48 3.81 -10.40 -7.91
N MET B 49 2.75 -10.99 -7.31
CA MET B 49 2.63 -11.28 -5.89
C MET B 49 3.11 -12.74 -5.80
N ASP B 50 4.11 -12.97 -4.95
CA ASP B 50 4.68 -14.29 -4.75
C ASP B 50 3.66 -15.21 -4.10
N VAL B 51 3.94 -16.50 -4.16
CA VAL B 51 3.03 -17.56 -3.74
C VAL B 51 2.71 -17.50 -2.24
N ASP B 52 3.50 -16.76 -1.49
CA ASP B 52 3.32 -16.69 -0.05
C ASP B 52 1.91 -16.18 0.31
N LEU B 53 1.41 -15.18 -0.40
CA LEU B 53 0.03 -14.75 -0.13
C LEU B 53 -1.16 -15.52 -0.77
N SER B 54 -0.87 -16.55 -1.59
CA SER B 54 -1.93 -17.36 -2.24
C SER B 54 -1.80 -18.87 -2.06
N THR B 55 -2.92 -19.61 -2.16
CA THR B 55 -3.00 -21.08 -2.04
C THR B 55 -3.88 -21.65 -3.16
N ALA B 56 -3.30 -22.48 -4.04
CA ALA B 56 -4.02 -23.10 -5.16
C ALA B 56 -4.29 -24.60 -4.97
N SER B 57 -5.26 -25.14 -5.72
CA SER B 57 -5.65 -26.56 -5.70
C SER B 57 -6.34 -26.97 -7.00
N THR B 58 -6.03 -28.16 -7.52
CA THR B 58 -6.63 -28.71 -8.74
C THR B 58 -7.40 -29.98 -8.40
N THR B 59 -8.63 -30.12 -8.93
CA THR B 59 -9.49 -31.29 -8.70
C THR B 59 -10.01 -31.83 -10.03
N LEU B 64 -13.09 -33.40 -17.10
CA LEU B 64 -12.67 -32.01 -16.87
C LEU B 64 -12.02 -31.81 -15.50
N ALA B 65 -11.13 -30.80 -15.43
CA ALA B 65 -10.41 -30.37 -14.23
C ALA B 65 -10.93 -29.00 -13.77
N SER B 66 -10.70 -28.66 -12.50
CA SER B 66 -11.11 -27.37 -11.93
C SER B 66 -10.08 -26.91 -10.92
N THR B 67 -9.43 -25.78 -11.23
CA THR B 67 -8.40 -25.18 -10.39
C THR B 67 -8.92 -23.91 -9.74
N GLN B 68 -8.50 -23.66 -8.49
CA GLN B 68 -8.82 -22.46 -7.73
C GLN B 68 -7.61 -21.96 -6.96
N SER B 69 -7.49 -20.63 -6.81
CA SER B 69 -6.41 -19.98 -6.05
C SER B 69 -7.03 -18.90 -5.18
N GLU B 70 -6.72 -18.96 -3.87
CA GLU B 70 -7.25 -18.07 -2.85
C GLU B 70 -6.20 -17.08 -2.34
N LEU B 71 -6.40 -15.77 -2.57
CA LEU B 71 -5.51 -14.71 -2.13
C LEU B 71 -6.12 -13.97 -0.93
N THR B 72 -5.38 -13.85 0.18
CA THR B 72 -5.84 -13.16 1.38
C THR B 72 -5.22 -11.77 1.46
N LEU B 73 -6.07 -10.76 1.62
CA LEU B 73 -5.66 -9.35 1.73
C LEU B 73 -6.16 -8.76 3.02
N SER B 74 -5.47 -7.74 3.51
CA SER B 74 -5.90 -7.01 4.70
C SER B 74 -6.98 -6.02 4.25
N GLN B 75 -7.78 -5.55 5.20
CA GLN B 75 -8.84 -4.57 4.97
C GLN B 75 -8.23 -3.27 4.43
N LYS B 76 -7.03 -2.85 4.95
CA LYS B 76 -6.29 -1.65 4.55
C LYS B 76 -5.93 -1.65 3.06
N HIS B 77 -5.41 -2.78 2.53
CA HIS B 77 -5.02 -2.93 1.14
C HIS B 77 -6.18 -2.93 0.17
N TRP B 78 -7.31 -3.54 0.57
CA TRP B 78 -8.51 -3.59 -0.26
C TRP B 78 -9.14 -2.19 -0.36
N LEU B 79 -9.24 -1.48 0.78
CA LEU B 79 -9.80 -0.12 0.88
C LEU B 79 -8.89 0.96 0.28
N SER B 80 -7.62 0.62 -0.02
CA SER B 80 -6.65 1.54 -0.61
C SER B 80 -6.86 1.73 -2.13
N ASP B 81 -7.85 1.00 -2.70
CA ASP B 81 -8.23 0.99 -4.12
C ASP B 81 -7.20 0.34 -5.08
N ARG B 82 -6.38 -0.61 -4.56
CA ARG B 82 -5.40 -1.35 -5.37
C ARG B 82 -6.16 -2.37 -6.24
N THR B 83 -5.63 -2.62 -7.45
CA THR B 83 -6.24 -3.56 -8.39
C THR B 83 -5.53 -4.90 -8.27
N TYR B 84 -6.31 -5.97 -8.21
CA TYR B 84 -5.81 -7.32 -8.10
C TYR B 84 -6.17 -8.12 -9.33
N THR B 85 -5.15 -8.62 -10.02
CA THR B 85 -5.30 -9.40 -11.25
C THR B 85 -4.95 -10.85 -11.00
N CYS B 86 -5.75 -11.74 -11.58
CA CYS B 86 -5.46 -13.16 -11.55
C CYS B 86 -5.06 -13.57 -12.95
N GLN B 87 -3.80 -13.97 -13.12
CA GLN B 87 -3.22 -14.34 -14.40
C GLN B 87 -3.08 -15.87 -14.50
N VAL B 88 -3.77 -16.47 -15.51
CA VAL B 88 -3.80 -17.93 -15.72
C VAL B 88 -3.21 -18.33 -17.08
N THR B 89 -2.24 -19.24 -17.13
CA THR B 89 -1.78 -19.74 -18.41
C THR B 89 -1.95 -21.23 -18.61
N TYR B 90 -2.73 -21.60 -19.63
CA TYR B 90 -2.97 -22.97 -20.13
C TYR B 90 -2.45 -23.02 -21.59
N GLN B 91 -1.58 -23.96 -21.91
CA GLN B 91 -0.92 -23.98 -23.22
C GLN B 91 -0.14 -22.71 -23.54
N GLY B 92 -0.48 -22.07 -24.64
CA GLY B 92 0.33 -20.95 -25.01
C GLY B 92 0.40 -19.83 -24.01
N HIS B 93 -0.71 -19.49 -23.39
CA HIS B 93 -0.57 -18.33 -22.56
C HIS B 93 -1.64 -17.83 -21.63
N THR B 94 -1.47 -16.56 -21.32
CA THR B 94 -2.39 -15.82 -20.42
C THR B 94 -3.88 -15.68 -20.75
N PHE B 95 -4.68 -15.84 -19.68
CA PHE B 95 -6.10 -15.61 -19.47
C PHE B 95 -6.11 -14.75 -18.18
N GLU B 96 -6.70 -13.55 -18.24
CA GLU B 96 -6.69 -12.64 -17.10
C GLU B 96 -8.05 -12.15 -16.66
N ASP B 97 -8.17 -11.83 -15.38
CA ASP B 97 -9.35 -11.25 -14.75
C ASP B 97 -8.86 -10.35 -13.63
N SER B 98 -9.40 -9.13 -13.57
CA SER B 98 -9.03 -8.13 -12.58
C SER B 98 -10.19 -7.73 -11.71
N THR B 99 -9.88 -7.22 -10.50
CA THR B 99 -10.86 -6.76 -9.52
C THR B 99 -10.26 -5.68 -8.61
N LYS B 100 -11.14 -4.88 -8.01
CA LYS B 100 -10.84 -3.87 -7.01
C LYS B 100 -12.10 -3.51 -6.24
N LYS B 101 -11.94 -2.79 -5.12
CA LYS B 101 -13.02 -2.33 -4.24
C LYS B 101 -14.08 -1.62 -5.09
N CYS B 102 -15.37 -1.95 -4.87
CA CYS B 102 -16.53 -1.42 -5.59
C CYS B 102 -16.54 0.10 -5.53
N ALA B 103 -16.60 0.75 -6.70
CA ALA B 103 -16.66 2.21 -6.84
C ALA B 103 -17.99 2.71 -6.27
N ASP B 104 -17.94 3.71 -5.38
CA ASP B 104 -19.13 4.24 -4.71
C ASP B 104 -20.07 5.05 -5.63
N SER B 105 -21.35 5.14 -5.20
CA SER B 105 -22.44 5.81 -5.92
C SER B 105 -22.14 7.23 -6.43
N ASN B 106 -21.80 8.18 -5.52
CA ASN B 106 -21.50 9.56 -5.88
C ASN B 106 -20.05 9.79 -6.30
N VAL B 110 -14.13 16.98 -8.87
CA VAL B 110 -13.15 17.39 -9.87
C VAL B 110 -12.03 18.22 -9.21
N SER B 111 -10.77 17.77 -9.39
CA SER B 111 -9.56 18.40 -8.85
C SER B 111 -8.44 18.51 -9.89
N ALA B 112 -7.64 19.59 -9.81
CA ALA B 112 -6.52 19.88 -10.71
C ALA B 112 -5.18 19.94 -9.97
N TYR B 113 -4.11 19.45 -10.62
CA TYR B 113 -2.76 19.41 -10.07
C TYR B 113 -1.73 20.01 -11.01
N LEU B 114 -0.85 20.88 -10.49
CA LEU B 114 0.22 21.51 -11.26
C LEU B 114 1.62 21.19 -10.69
N SER B 115 2.42 20.48 -11.48
CA SER B 115 3.77 20.05 -11.13
C SER B 115 4.86 21.04 -11.55
N ARG B 116 6.02 21.00 -10.87
CA ARG B 116 7.22 21.77 -11.16
C ARG B 116 8.06 20.93 -12.16
N PRO B 117 9.02 21.50 -12.94
CA PRO B 117 9.86 20.64 -13.78
C PRO B 117 10.82 19.82 -12.90
N SER B 118 11.16 18.62 -13.34
CA SER B 118 12.07 17.76 -12.61
C SER B 118 13.50 18.23 -12.81
N PRO B 119 14.38 18.23 -11.77
CA PRO B 119 15.78 18.64 -12.00
C PRO B 119 16.48 17.96 -13.20
N PHE B 120 16.08 16.71 -13.52
CA PHE B 120 16.59 15.95 -14.67
C PHE B 120 16.28 16.64 -16.00
N ASP B 121 15.02 17.04 -16.22
CA ASP B 121 14.54 17.70 -17.45
C ASP B 121 15.13 19.08 -17.57
N LEU B 122 15.23 19.74 -16.42
CA LEU B 122 15.74 21.09 -16.20
C LEU B 122 17.22 21.20 -16.57
N PHE B 123 18.06 20.26 -16.08
CA PHE B 123 19.52 20.27 -16.21
C PHE B 123 20.23 19.21 -17.04
N ILE B 124 19.64 18.02 -17.20
CA ILE B 124 20.26 16.96 -18.01
C ILE B 124 19.71 17.02 -19.44
N ARG B 125 18.40 16.76 -19.61
CA ARG B 125 17.66 16.80 -20.88
C ARG B 125 17.67 18.22 -21.46
N LYS B 126 17.68 19.25 -20.59
CA LYS B 126 17.68 20.67 -20.93
C LYS B 126 16.41 21.07 -21.68
N SER B 127 15.28 20.45 -21.29
CA SER B 127 13.94 20.65 -21.83
C SER B 127 12.92 20.50 -20.71
N PRO B 128 12.82 21.50 -19.79
CA PRO B 128 11.83 21.40 -18.71
C PRO B 128 10.40 21.60 -19.18
N THR B 129 9.45 20.95 -18.49
CA THR B 129 8.02 21.05 -18.76
C THR B 129 7.27 21.04 -17.44
N ILE B 130 6.12 21.70 -17.43
CA ILE B 130 5.23 21.71 -16.27
C ILE B 130 3.91 21.08 -16.74
N THR B 131 3.32 20.23 -15.90
CA THR B 131 2.11 19.48 -16.24
C THR B 131 0.90 19.84 -15.40
N CYS B 132 -0.20 20.20 -16.08
CA CYS B 132 -1.47 20.44 -15.44
C CYS B 132 -2.36 19.23 -15.65
N LEU B 133 -2.66 18.52 -14.56
CA LEU B 133 -3.48 17.32 -14.58
C LEU B 133 -4.83 17.63 -13.94
N VAL B 134 -5.89 17.46 -14.73
CA VAL B 134 -7.28 17.69 -14.29
C VAL B 134 -7.94 16.32 -14.15
N VAL B 135 -8.36 15.97 -12.94
CA VAL B 135 -8.97 14.66 -12.65
C VAL B 135 -10.44 14.68 -12.21
N ASP B 136 -11.05 13.48 -12.10
CA ASP B 136 -12.43 13.20 -11.71
C ASP B 136 -13.53 13.73 -12.65
N LEU B 137 -13.16 14.01 -13.92
CA LEU B 137 -14.08 14.54 -14.94
C LEU B 137 -15.07 13.52 -15.45
N ALA B 138 -16.32 13.97 -15.69
CA ALA B 138 -17.40 13.16 -16.22
C ALA B 138 -17.42 13.27 -17.75
N PRO B 139 -17.03 12.21 -18.51
CA PRO B 139 -17.03 12.32 -19.97
C PRO B 139 -18.41 12.05 -20.58
N LYS B 141 -20.37 16.03 -18.62
CA LYS B 141 -19.46 15.42 -19.59
C LYS B 141 -19.23 16.35 -20.77
N GLY B 142 -18.75 17.56 -20.48
CA GLY B 142 -18.39 18.59 -21.45
C GLY B 142 -16.93 18.50 -21.84
N THR B 143 -16.34 19.55 -22.43
CA THR B 143 -14.93 19.45 -22.79
C THR B 143 -13.87 19.89 -21.77
N VAL B 144 -13.88 21.13 -21.37
CA VAL B 144 -12.90 21.65 -20.40
C VAL B 144 -11.72 22.33 -21.06
N GLN B 145 -11.47 23.54 -20.64
CA GLN B 145 -10.37 24.28 -21.20
C GLN B 145 -9.22 24.49 -20.24
N LEU B 146 -8.03 24.23 -20.71
CA LEU B 146 -6.81 24.47 -19.93
C LEU B 146 -6.01 25.57 -20.61
N THR B 147 -5.85 26.71 -19.92
CA THR B 147 -5.14 27.88 -20.42
C THR B 147 -3.95 28.20 -19.53
N TRP B 148 -2.78 28.33 -20.15
CA TRP B 148 -1.50 28.67 -19.53
C TRP B 148 -1.25 30.16 -19.64
N SER B 149 -0.57 30.73 -18.63
CA SER B 149 -0.18 32.14 -18.57
C SER B 149 1.03 32.33 -17.63
N ARG B 150 1.76 33.45 -17.83
CA ARG B 150 2.93 33.81 -17.02
C ARG B 150 2.60 35.07 -16.25
N ALA B 151 3.10 35.16 -14.99
CA ALA B 151 2.88 36.31 -14.10
C ALA B 151 3.42 37.62 -14.71
N SER B 152 4.47 37.52 -15.53
CA SER B 152 5.12 38.63 -16.23
C SER B 152 4.33 39.13 -17.45
N GLY B 153 3.38 38.31 -17.92
CA GLY B 153 2.57 38.60 -19.08
C GLY B 153 3.26 38.26 -20.38
N LYS B 154 4.48 37.67 -20.28
CA LYS B 154 5.30 37.25 -21.42
C LYS B 154 4.64 36.04 -22.11
N PRO B 155 4.88 35.81 -23.43
CA PRO B 155 4.21 34.70 -24.11
C PRO B 155 4.61 33.31 -23.63
N VAL B 156 3.67 32.37 -23.72
CA VAL B 156 3.86 30.95 -23.40
C VAL B 156 4.01 30.17 -24.71
N ASN B 157 4.66 28.99 -24.65
CA ASN B 157 4.80 28.13 -25.82
C ASN B 157 3.50 27.35 -26.02
N HIS B 158 3.45 26.53 -27.07
CA HIS B 158 2.29 25.69 -27.33
C HIS B 158 2.39 24.45 -26.45
N SER B 159 1.27 24.06 -25.83
CA SER B 159 1.21 22.94 -24.91
C SER B 159 0.65 21.67 -25.58
N THR B 160 0.95 20.48 -25.04
CA THR B 160 0.38 19.24 -25.59
C THR B 160 -0.71 18.73 -24.66
N ARG B 161 -1.90 18.49 -25.21
CA ARG B 161 -3.07 18.01 -24.49
C ARG B 161 -3.33 16.53 -24.74
N LYS B 162 -3.74 15.84 -23.70
CA LYS B 162 -4.04 14.41 -23.67
C LYS B 162 -5.30 14.19 -22.85
N GLU B 163 -6.26 13.45 -23.41
CA GLU B 163 -7.51 13.09 -22.74
C GLU B 163 -7.56 11.58 -22.67
N GLU B 164 -7.75 11.04 -21.47
CA GLU B 164 -7.78 9.60 -21.27
C GLU B 164 -9.03 9.15 -20.53
N LYS B 165 -9.69 8.11 -21.06
CA LYS B 165 -10.84 7.51 -20.41
C LYS B 165 -10.28 6.43 -19.50
N GLN B 166 -10.37 6.64 -18.18
CA GLN B 166 -9.83 5.72 -17.18
C GLN B 166 -10.71 4.46 -17.01
N ARG B 167 -10.17 3.41 -16.36
CA ARG B 167 -10.85 2.14 -16.08
C ARG B 167 -12.11 2.33 -15.24
N ASN B 168 -12.08 3.28 -14.28
CA ASN B 168 -13.19 3.63 -13.36
C ASN B 168 -14.24 4.57 -13.99
N GLY B 169 -14.12 4.83 -15.29
CA GLY B 169 -15.04 5.67 -16.03
C GLY B 169 -14.83 7.17 -15.87
N THR B 170 -13.71 7.57 -15.23
CA THR B 170 -13.35 8.99 -15.05
C THR B 170 -12.48 9.45 -16.22
N LEU B 171 -12.37 10.79 -16.39
CA LEU B 171 -11.55 11.38 -17.44
C LEU B 171 -10.46 12.26 -16.85
N THR B 172 -9.23 12.10 -17.34
CA THR B 172 -8.12 12.93 -16.91
C THR B 172 -7.65 13.77 -18.10
N VAL B 173 -7.58 15.10 -17.92
CA VAL B 173 -7.06 15.99 -18.97
C VAL B 173 -5.66 16.40 -18.55
N THR B 174 -4.68 16.13 -19.42
CA THR B 174 -3.28 16.43 -19.20
C THR B 174 -2.80 17.49 -20.20
N SER B 175 -2.25 18.59 -19.69
CA SER B 175 -1.63 19.63 -20.50
C SER B 175 -0.18 19.76 -20.05
N THR B 176 0.76 19.66 -21.00
CA THR B 176 2.17 19.76 -20.69
C THR B 176 2.70 21.02 -21.35
N LEU B 177 3.16 21.98 -20.53
CA LEU B 177 3.70 23.23 -21.07
C LEU B 177 5.22 23.26 -21.01
N PRO B 178 5.89 23.43 -22.17
CA PRO B 178 7.35 23.59 -22.15
C PRO B 178 7.72 24.99 -21.65
N VAL B 179 8.65 25.02 -20.70
CA VAL B 179 9.13 26.26 -20.09
C VAL B 179 10.63 26.42 -20.41
N GLY B 180 11.15 27.61 -20.19
CA GLY B 180 12.57 27.86 -20.36
C GLY B 180 13.31 27.58 -19.07
N THR B 181 14.55 27.05 -19.16
CA THR B 181 15.39 26.74 -17.99
C THR B 181 15.73 28.03 -17.23
N ARG B 182 16.27 29.04 -17.95
CA ARG B 182 16.64 30.35 -17.40
C ARG B 182 15.38 31.04 -16.86
N ASP B 183 14.25 30.95 -17.59
CA ASP B 183 12.93 31.49 -17.24
C ASP B 183 12.46 30.95 -15.88
N TRP B 184 12.56 29.63 -15.68
CA TRP B 184 12.20 28.95 -14.45
C TRP B 184 13.15 29.36 -13.32
N ILE B 185 14.49 29.30 -13.58
CA ILE B 185 15.54 29.65 -12.63
C ILE B 185 15.50 31.13 -12.18
N GLU B 186 15.05 32.03 -13.08
CA GLU B 186 14.90 33.45 -12.76
C GLU B 186 13.62 33.79 -11.97
N GLY B 187 12.86 32.75 -11.61
CA GLY B 187 11.67 32.86 -10.76
C GLY B 187 10.36 33.21 -11.42
N GLU B 188 10.13 32.70 -12.65
CA GLU B 188 8.86 32.95 -13.34
C GLU B 188 7.77 32.10 -12.67
N THR B 189 6.55 32.64 -12.61
CA THR B 189 5.38 31.97 -12.06
C THR B 189 4.48 31.59 -13.24
N TYR B 190 4.18 30.30 -13.37
CA TYR B 190 3.33 29.78 -14.42
C TYR B 190 1.99 29.41 -13.84
N GLN B 191 0.93 29.96 -14.44
CA GLN B 191 -0.43 29.70 -14.01
C GLN B 191 -1.17 28.89 -15.05
N CYS B 192 -1.92 27.92 -14.55
CA CYS B 192 -2.82 27.13 -15.36
C CYS B 192 -4.25 27.48 -14.96
N ARG B 193 -5.15 27.59 -15.95
CA ARG B 193 -6.55 27.94 -15.69
C ARG B 193 -7.49 26.90 -16.30
N VAL B 194 -8.29 26.26 -15.46
CA VAL B 194 -9.23 25.23 -15.88
C VAL B 194 -10.66 25.76 -15.88
N THR B 195 -11.35 25.69 -17.04
CA THR B 195 -12.74 26.15 -17.16
C THR B 195 -13.64 25.10 -17.80
N HIS B 196 -14.89 25.03 -17.32
CA HIS B 196 -15.96 24.14 -17.77
C HIS B 196 -17.29 24.48 -17.08
N PRO B 197 -18.45 24.49 -17.81
CA PRO B 197 -19.74 24.80 -17.15
C PRO B 197 -20.26 23.84 -16.05
N HIS B 198 -19.64 22.65 -15.87
CA HIS B 198 -20.01 21.71 -14.79
C HIS B 198 -19.24 22.05 -13.47
N LEU B 199 -18.74 23.30 -13.42
CA LEU B 199 -17.96 23.94 -12.35
C LEU B 199 -18.35 25.44 -12.33
N PRO B 200 -18.74 26.02 -11.16
CA PRO B 200 -19.20 27.44 -11.13
C PRO B 200 -18.25 28.50 -11.68
N ARG B 201 -16.96 28.44 -11.31
CA ARG B 201 -15.92 29.35 -11.80
C ARG B 201 -14.57 28.64 -11.96
N ALA B 202 -13.66 29.25 -12.73
CA ALA B 202 -12.31 28.78 -13.06
C ALA B 202 -11.53 28.17 -11.90
N LEU B 203 -10.85 27.07 -12.19
CA LEU B 203 -10.02 26.31 -11.28
C LEU B 203 -8.57 26.66 -11.63
N MET B 204 -7.99 27.62 -10.89
CA MET B 204 -6.62 28.10 -11.10
C MET B 204 -5.58 27.41 -10.25
N ARG B 205 -4.41 27.13 -10.85
CA ARG B 205 -3.25 26.51 -10.20
C ARG B 205 -1.98 27.21 -10.68
N SER B 206 -1.06 27.52 -9.77
CA SER B 206 0.19 28.20 -10.13
C SER B 206 1.43 27.51 -9.55
N THR B 207 2.53 27.54 -10.32
CA THR B 207 3.81 26.97 -9.95
C THR B 207 4.96 27.94 -10.18
N THR B 208 6.01 27.84 -9.34
CA THR B 208 7.22 28.67 -9.36
C THR B 208 8.33 27.92 -8.63
N LYS B 209 9.61 28.29 -8.88
CA LYS B 209 10.76 27.66 -8.22
C LYS B 209 10.63 27.77 -6.69
N THR B 210 11.00 26.67 -6.00
CA THR B 210 10.95 26.59 -4.54
C THR B 210 11.84 27.69 -4.02
N SER B 211 11.33 28.46 -3.07
CA SER B 211 12.06 29.59 -2.51
C SER B 211 13.01 29.09 -1.42
N GLY B 212 13.62 30.04 -0.70
CA GLY B 212 14.52 29.74 0.41
C GLY B 212 15.95 29.36 0.08
N PRO B 213 16.65 28.80 1.10
CA PRO B 213 18.06 28.45 0.93
C PRO B 213 18.35 27.30 -0.01
N ARG B 214 19.61 27.19 -0.43
CA ARG B 214 20.10 26.14 -1.31
C ARG B 214 21.23 25.40 -0.63
N ALA B 215 21.36 24.10 -0.93
CA ALA B 215 22.40 23.22 -0.39
C ALA B 215 22.55 22.02 -1.32
N ALA B 216 23.80 21.72 -1.72
CA ALA B 216 24.15 20.61 -2.62
C ALA B 216 24.05 19.28 -1.90
N PRO B 217 23.61 18.20 -2.58
CA PRO B 217 23.52 16.91 -1.87
C PRO B 217 24.83 16.14 -1.68
N GLU B 218 24.82 15.26 -0.67
CA GLU B 218 25.91 14.35 -0.35
C GLU B 218 25.40 12.98 -0.79
N VAL B 219 26.17 12.29 -1.64
CA VAL B 219 25.79 10.98 -2.18
C VAL B 219 26.73 9.90 -1.63
N TYR B 220 26.14 8.82 -1.08
CA TYR B 220 26.85 7.68 -0.53
C TYR B 220 26.17 6.40 -1.05
N ALA B 221 26.94 5.50 -1.68
CA ALA B 221 26.42 4.25 -2.22
C ALA B 221 27.05 3.07 -1.50
N PHE B 222 26.20 2.12 -1.09
CA PHE B 222 26.61 0.91 -0.37
C PHE B 222 26.05 -0.33 -1.06
N ALA B 223 26.73 -1.48 -0.85
CA ALA B 223 26.34 -2.78 -1.36
C ALA B 223 26.19 -3.71 -0.15
N THR B 224 25.14 -4.53 -0.14
CA THR B 224 24.94 -5.51 0.94
C THR B 224 25.94 -6.66 0.73
N PRO B 225 26.41 -7.34 1.81
CA PRO B 225 27.37 -8.42 1.62
C PRO B 225 26.75 -9.63 0.95
N GLU B 226 27.62 -10.52 0.43
CA GLU B 226 27.21 -11.78 -0.13
C GLU B 226 26.97 -12.73 1.04
N TRP B 227 25.83 -13.38 1.05
CA TRP B 227 25.52 -14.36 2.08
C TRP B 227 24.85 -15.55 1.40
N PRO B 228 24.73 -16.74 2.03
CA PRO B 228 24.15 -17.90 1.30
C PRO B 228 22.75 -17.74 0.66
N GLY B 229 22.00 -16.70 1.05
CA GLY B 229 20.67 -16.40 0.53
C GLY B 229 20.62 -15.22 -0.41
N SER B 230 21.78 -14.73 -0.84
CA SER B 230 21.93 -13.62 -1.77
C SER B 230 23.27 -13.77 -2.50
N ARG B 231 23.37 -14.85 -3.31
CA ARG B 231 24.58 -15.12 -4.08
C ARG B 231 24.47 -14.62 -5.51
N ASP B 232 23.35 -14.96 -6.22
CA ASP B 232 23.19 -14.49 -7.61
C ASP B 232 22.49 -13.13 -7.80
N LYS B 233 22.21 -12.43 -6.69
CA LYS B 233 21.62 -11.10 -6.63
C LYS B 233 22.20 -10.31 -5.44
N ARG B 234 22.26 -8.97 -5.54
CA ARG B 234 22.74 -8.07 -4.48
C ARG B 234 21.87 -6.84 -4.37
N THR B 235 21.81 -6.25 -3.17
CA THR B 235 21.08 -5.02 -2.97
C THR B 235 22.06 -3.88 -2.80
N LEU B 236 21.85 -2.81 -3.58
CA LEU B 236 22.60 -1.57 -3.53
C LEU B 236 21.72 -0.50 -2.93
N ALA B 237 22.27 0.22 -1.98
CA ALA B 237 21.56 1.28 -1.29
C ALA B 237 22.30 2.59 -1.50
N CYS B 238 21.55 3.67 -1.55
CA CYS B 238 22.14 4.97 -1.72
C CYS B 238 21.51 5.98 -0.82
N LEU B 239 22.35 6.75 -0.14
CA LEU B 239 21.89 7.81 0.72
C LEU B 239 22.27 9.13 0.07
N ILE B 240 21.25 9.93 -0.24
CA ILE B 240 21.38 11.28 -0.80
C ILE B 240 20.81 12.22 0.25
N GLN B 241 21.67 13.03 0.86
CA GLN B 241 21.22 13.86 1.97
C GLN B 241 21.78 15.26 1.97
N ASN B 242 21.27 16.08 2.91
CA ASN B 242 21.65 17.46 3.21
C ASN B 242 21.50 18.40 2.03
N PHE B 243 20.40 18.27 1.27
CA PHE B 243 20.12 19.13 0.13
C PHE B 243 18.87 20.00 0.32
N MET B 244 18.91 21.24 -0.21
CA MET B 244 17.83 22.21 -0.21
C MET B 244 17.79 22.92 -1.59
N PRO B 245 16.64 23.04 -2.29
CA PRO B 245 15.29 22.60 -1.89
C PRO B 245 15.09 21.11 -2.11
N GLU B 246 13.90 20.61 -1.76
CA GLU B 246 13.57 19.19 -1.85
C GLU B 246 13.54 18.57 -3.25
N ASP B 247 13.46 19.41 -4.30
CA ASP B 247 13.43 18.99 -5.70
C ASP B 247 14.71 18.30 -6.10
N ILE B 248 14.63 16.98 -6.28
CA ILE B 248 15.76 16.15 -6.65
C ILE B 248 15.33 15.03 -7.62
N SER B 249 16.26 14.63 -8.50
CA SER B 249 16.09 13.52 -9.42
C SER B 249 17.20 12.53 -9.12
N VAL B 250 16.84 11.25 -8.99
CA VAL B 250 17.80 10.18 -8.66
C VAL B 250 17.80 9.20 -9.79
N GLN B 251 18.99 8.80 -10.24
CA GLN B 251 19.11 7.81 -11.30
C GLN B 251 20.21 6.83 -10.94
N TRP B 252 20.09 5.61 -11.47
CA TRP B 252 21.09 4.55 -11.31
C TRP B 252 21.62 4.25 -12.70
N LEU B 253 22.94 4.28 -12.84
CA LEU B 253 23.59 4.04 -14.13
C LEU B 253 24.44 2.80 -14.08
N HIS B 254 24.32 1.96 -15.12
CA HIS B 254 25.12 0.76 -15.25
C HIS B 254 25.46 0.50 -16.69
N ASN B 255 26.76 0.28 -16.94
CA ASN B 255 27.33 -0.10 -18.24
C ASN B 255 26.91 0.86 -19.38
N GLU B 256 27.17 2.17 -19.16
CA GLU B 256 26.87 3.29 -20.07
C GLU B 256 25.36 3.44 -20.34
N VAL B 257 24.51 2.84 -19.46
CA VAL B 257 23.05 2.85 -19.58
C VAL B 257 22.44 3.47 -18.32
N GLN B 258 21.38 4.29 -18.49
CA GLN B 258 20.57 4.81 -17.40
C GLN B 258 19.48 3.77 -17.20
N LEU B 259 19.42 3.16 -16.03
CA LEU B 259 18.44 2.11 -15.74
C LEU B 259 17.01 2.67 -15.70
N PRO B 260 15.98 1.87 -16.05
CA PRO B 260 14.60 2.38 -15.97
C PRO B 260 14.26 2.75 -14.53
N ASP B 261 13.33 3.70 -14.32
CA ASP B 261 12.91 4.13 -12.98
C ASP B 261 12.21 3.01 -12.19
N ALA B 262 11.61 2.05 -12.92
CA ALA B 262 10.92 0.88 -12.41
C ALA B 262 11.87 -0.09 -11.68
N ARG B 263 13.18 -0.04 -12.00
CA ARG B 263 14.21 -0.91 -11.41
C ARG B 263 14.53 -0.58 -9.96
N HIS B 264 14.32 0.68 -9.54
CA HIS B 264 14.65 1.13 -8.19
C HIS B 264 13.55 1.88 -7.45
N SER B 265 13.61 1.84 -6.10
CA SER B 265 12.68 2.54 -5.21
C SER B 265 13.44 3.66 -4.52
N THR B 266 12.95 4.90 -4.69
CA THR B 266 13.50 6.09 -4.04
C THR B 266 12.45 6.59 -3.06
N THR B 267 12.89 6.93 -1.84
CA THR B 267 11.97 7.42 -0.81
C THR B 267 11.60 8.86 -1.07
N GLN B 268 10.58 9.36 -0.40
CA GLN B 268 10.15 10.76 -0.56
C GLN B 268 11.08 11.68 0.27
N PRO B 269 11.45 12.92 -0.16
CA PRO B 269 12.36 13.74 0.66
C PRO B 269 11.82 14.02 2.05
N ARG B 270 12.61 13.66 3.07
CA ARG B 270 12.30 13.86 4.49
C ARG B 270 13.32 14.84 5.08
N LYS B 271 12.91 15.61 6.11
CA LYS B 271 13.74 16.62 6.77
C LYS B 271 14.75 16.05 7.77
N THR B 272 16.07 16.39 7.61
CA THR B 272 17.15 15.98 8.50
C THR B 272 17.08 16.82 9.78
N LYS B 273 17.59 16.28 10.92
CA LYS B 273 17.60 16.92 12.24
C LYS B 273 18.15 18.35 12.22
N GLY B 274 19.19 18.55 11.41
CA GLY B 274 19.82 19.85 11.27
C GLY B 274 19.15 20.65 10.18
N SER B 275 19.82 20.71 9.02
CA SER B 275 19.37 21.43 7.85
C SER B 275 19.45 20.53 6.60
N GLY B 276 18.43 20.62 5.73
CA GLY B 276 18.37 19.88 4.47
C GLY B 276 17.46 18.67 4.45
N PHE B 277 17.28 18.10 3.25
CA PHE B 277 16.45 16.92 3.01
C PHE B 277 17.31 15.73 2.71
N PHE B 278 16.75 14.54 2.94
CA PHE B 278 17.38 13.27 2.63
C PHE B 278 16.44 12.32 1.90
N VAL B 279 17.02 11.46 1.08
CA VAL B 279 16.34 10.44 0.32
C VAL B 279 17.22 9.19 0.30
N PHE B 280 16.59 8.03 0.23
CA PHE B 280 17.29 6.75 0.12
C PHE B 280 16.85 6.11 -1.18
N SER B 281 17.77 5.44 -1.86
CA SER B 281 17.46 4.76 -3.12
C SER B 281 17.94 3.30 -3.00
N ARG B 282 17.10 2.36 -3.44
CA ARG B 282 17.39 0.94 -3.35
C ARG B 282 17.33 0.29 -4.71
N LEU B 283 18.41 -0.39 -5.10
CA LEU B 283 18.49 -1.08 -6.38
C LEU B 283 18.97 -2.52 -6.19
N GLU B 284 18.17 -3.47 -6.69
CA GLU B 284 18.49 -4.89 -6.69
C GLU B 284 19.17 -5.21 -8.02
N VAL B 285 20.37 -5.79 -7.95
CA VAL B 285 21.18 -6.12 -9.14
C VAL B 285 21.42 -7.61 -9.25
N THR B 286 21.60 -8.12 -10.48
CA THR B 286 21.81 -9.54 -10.76
C THR B 286 23.26 -9.86 -11.15
N ARG B 287 23.66 -11.16 -11.02
CA ARG B 287 24.98 -11.66 -11.40
C ARG B 287 25.36 -11.28 -12.83
N ALA B 288 24.41 -11.38 -13.78
CA ALA B 288 24.61 -11.03 -15.18
C ALA B 288 25.02 -9.56 -15.37
N GLU B 289 24.47 -8.64 -14.55
CA GLU B 289 24.78 -7.22 -14.63
C GLU B 289 26.19 -6.94 -14.09
N TRP B 290 26.52 -7.43 -12.86
CA TRP B 290 27.86 -7.22 -12.29
C TRP B 290 28.98 -7.96 -13.03
N GLU B 291 28.66 -9.11 -13.67
CA GLU B 291 29.64 -9.85 -14.47
C GLU B 291 29.89 -9.17 -15.82
N GLN B 292 28.94 -8.32 -16.26
CA GLN B 292 29.06 -7.53 -17.49
C GLN B 292 30.01 -6.35 -17.23
N LYS B 293 29.73 -5.56 -16.17
CA LYS B 293 30.50 -4.41 -15.71
C LYS B 293 30.19 -4.23 -14.23
N ASP B 294 31.21 -4.37 -13.37
CA ASP B 294 31.03 -4.28 -11.92
C ASP B 294 31.18 -2.86 -11.40
N GLU B 295 30.26 -1.99 -11.81
CA GLU B 295 30.19 -0.59 -11.40
C GLU B 295 28.79 -0.10 -11.61
N PHE B 296 28.16 0.30 -10.54
CA PHE B 296 26.80 0.82 -10.56
C PHE B 296 26.91 2.20 -9.95
N ILE B 297 26.46 3.22 -10.69
CA ILE B 297 26.54 4.61 -10.24
C ILE B 297 25.17 5.10 -9.78
N CYS B 298 25.14 5.72 -8.60
CA CYS B 298 23.96 6.36 -8.09
C CYS B 298 24.18 7.87 -8.29
N ARG B 299 23.33 8.49 -9.13
CA ARG B 299 23.43 9.89 -9.48
C ARG B 299 22.25 10.70 -8.99
N ALA B 300 22.54 11.87 -8.43
CA ALA B 300 21.55 12.83 -7.96
C ALA B 300 21.68 14.08 -8.80
N VAL B 301 20.55 14.53 -9.37
CA VAL B 301 20.47 15.77 -10.14
C VAL B 301 19.77 16.80 -9.27
N HIS B 302 20.51 17.84 -8.87
CA HIS B 302 20.02 18.90 -7.99
C HIS B 302 20.54 20.27 -8.41
N GLU B 303 19.70 21.32 -8.32
CA GLU B 303 20.04 22.69 -8.69
C GLU B 303 21.28 23.31 -8.02
N ALA B 304 21.56 22.92 -6.76
CA ALA B 304 22.69 23.42 -5.97
C ALA B 304 24.00 22.64 -6.21
N ALA B 305 23.97 21.54 -6.99
CA ALA B 305 25.15 20.73 -7.25
C ALA B 305 26.06 21.36 -8.27
N SER B 306 27.36 21.45 -7.93
CA SER B 306 28.37 22.06 -8.78
C SER B 306 29.39 21.04 -9.33
N PRO B 307 29.86 21.21 -10.59
CA PRO B 307 29.59 22.31 -11.53
C PRO B 307 28.43 22.12 -12.51
N SER B 308 27.89 20.90 -12.62
CA SER B 308 26.88 20.58 -13.62
C SER B 308 25.56 20.01 -13.10
N GLN B 309 25.10 20.52 -11.93
CA GLN B 309 23.83 20.11 -11.28
C GLN B 309 23.74 18.63 -10.99
N THR B 310 24.90 17.96 -10.88
CA THR B 310 25.03 16.53 -10.66
C THR B 310 26.06 16.20 -9.58
N VAL B 311 25.77 15.17 -8.81
CA VAL B 311 26.65 14.56 -7.81
C VAL B 311 26.37 13.06 -7.84
N GLN B 312 27.43 12.24 -7.92
CA GLN B 312 27.30 10.80 -8.02
C GLN B 312 28.35 10.04 -7.25
N ARG B 313 28.09 8.75 -7.00
CA ARG B 313 29.00 7.80 -6.37
C ARG B 313 28.79 6.43 -6.96
N ALA B 314 29.88 5.74 -7.22
CA ALA B 314 29.87 4.38 -7.77
C ALA B 314 30.00 3.33 -6.66
N VAL B 315 29.48 2.13 -6.90
CA VAL B 315 29.56 0.97 -6.01
C VAL B 315 29.80 -0.31 -6.83
N SER B 316 30.66 -1.18 -6.34
CA SER B 316 30.97 -2.49 -6.95
C SER B 316 30.55 -3.57 -5.98
N VAL B 317 30.24 -4.76 -6.50
CA VAL B 317 29.81 -5.89 -5.68
C VAL B 317 30.79 -7.06 -5.61
N ASN B 318 31.55 -7.30 -6.68
CA ASN B 318 32.46 -8.46 -6.73
C ASN B 318 33.98 -8.09 -6.69
N PRO B 319 34.82 -8.88 -5.98
CA PRO B 319 36.25 -8.52 -5.88
C PRO B 319 37.02 -8.48 -7.20
N GLY B 320 37.44 -7.26 -7.56
CA GLY B 320 38.20 -6.99 -8.77
C GLY B 320 39.70 -6.93 -8.54
C1 NAG C . -6.49 18.75 6.36
C2 NAG C . -6.42 17.80 5.17
C3 NAG C . -6.40 16.40 5.78
C4 NAG C . -5.19 16.21 6.70
C5 NAG C . -5.07 17.36 7.70
C6 NAG C . -3.70 17.44 8.35
C7 NAG C . -7.43 18.06 2.94
C8 NAG C . -8.72 18.23 2.19
N2 NAG C . -7.54 17.96 4.28
O3 NAG C . -6.37 15.43 4.73
O4 NAG C . -5.34 15.00 7.44
O5 NAG C . -5.25 18.62 7.04
O6 NAG C . -3.58 16.53 9.42
O7 NAG C . -6.36 18.03 2.37
C1 NAG C . -4.50 13.89 7.12
C2 NAG C . -4.29 13.06 8.38
C3 NAG C . -3.41 11.86 8.02
C4 NAG C . -4.03 11.05 6.88
C5 NAG C . -4.32 11.95 5.69
C6 NAG C . -5.10 11.27 4.57
C7 NAG C . -3.93 13.60 10.77
C8 NAG C . -3.11 14.41 11.74
N2 NAG C . -3.68 13.82 9.47
O3 NAG C . -3.23 11.03 9.16
O4 NAG C . -3.14 10.01 6.48
O5 NAG C . -5.11 13.08 6.11
O6 NAG C . -6.44 10.98 4.95
O7 NAG C . -4.76 12.78 11.15
C1 BMA C . -3.50 8.66 6.76
C2 BMA C . -3.02 7.78 5.60
C3 BMA C . -3.22 6.30 5.91
C4 BMA C . -2.66 5.92 7.28
C5 BMA C . -3.20 6.86 8.34
C6 BMA C . -2.65 6.63 9.74
O2 BMA C . -1.66 8.06 5.28
O3 BMA C . -2.63 5.50 4.89
O4 BMA C . -3.02 4.58 7.59
O5 BMA C . -2.89 8.22 7.99
O6 BMA C . -1.24 6.78 9.82
C1 MAN C . -0.77 7.34 11.02
C2 MAN C . 0.63 7.92 10.78
C3 MAN C . 1.68 6.82 10.67
C4 MAN C . 1.60 5.87 11.86
C5 MAN C . 0.17 5.33 12.02
C6 MAN C . -0.02 4.46 13.24
O2 MAN C . 0.95 8.84 11.82
O3 MAN C . 2.98 7.37 10.55
O4 MAN C . 2.50 4.79 11.67
O5 MAN C . -0.75 6.43 12.12
O6 MAN C . 0.26 5.15 14.45
C1 MAN C . 3.73 7.08 9.38
C2 MAN C . 4.97 6.21 9.73
C3 MAN C . 6.13 7.04 10.27
C4 MAN C . 6.40 8.29 9.42
C5 MAN C . 5.11 9.09 9.25
C6 MAN C . 5.27 10.30 8.37
O2 MAN C . 5.37 5.43 8.62
O3 MAN C . 7.31 6.24 10.34
O4 MAN C . 7.40 9.08 10.06
O5 MAN C . 4.11 8.26 8.64
O6 MAN C . 6.02 11.33 9.00
C1 NAG D . -10.15 6.96 -11.19
C2 NAG D . -10.10 7.72 -9.87
C3 NAG D . -9.08 8.85 -10.04
C4 NAG D . -7.71 8.30 -10.45
C5 NAG D . -7.81 7.38 -11.66
C6 NAG D . -6.55 6.60 -11.91
C7 NAG D . -12.08 8.02 -8.44
C8 NAG D . -13.47 8.58 -8.36
N2 NAG D . -11.42 8.26 -9.58
O3 NAG D . -8.97 9.59 -8.82
O4 NAG D . -6.86 9.38 -10.80
O5 NAG D . -8.86 6.41 -11.45
O6 NAG D . -6.71 5.67 -12.98
O7 NAG D . -11.59 7.38 -7.51
C1 NAG D . -5.85 9.78 -9.87
C2 NAG D . -4.64 10.26 -10.67
C3 NAG D . -3.56 10.72 -9.68
C4 NAG D . -4.11 11.78 -8.73
C5 NAG D . -5.39 11.29 -8.06
C6 NAG D . -6.09 12.36 -7.25
C7 NAG D . -4.07 9.33 -12.88
C8 NAG D . -3.34 8.25 -13.61
N2 NAG D . -4.11 9.23 -11.54
O3 NAG D . -2.45 11.23 -10.40
O4 NAG D . -3.13 12.10 -7.74
O5 NAG D . -6.32 10.84 -9.05
O6 NAG D . -7.46 12.05 -7.01
O7 NAG D . -4.61 10.27 -13.47
C1 BMA D . -2.43 13.32 -7.85
C2 BMA D . -1.83 13.64 -6.48
C3 BMA D . -0.97 14.90 -6.56
C4 BMA D . 0.07 14.80 -7.67
C5 BMA D . -0.62 14.43 -8.98
C6 BMA D . 0.35 14.19 -10.12
O2 BMA D . -1.04 12.54 -6.01
O3 BMA D . -0.33 15.16 -5.31
O4 BMA D . 0.76 16.03 -7.80
O5 BMA D . -1.38 13.23 -8.81
O6 BMA D . 1.29 13.16 -9.82
C1 MAN D . 1.92 12.61 -10.94
C2 MAN D . 2.66 11.34 -10.53
C3 MAN D . 3.94 11.68 -9.75
C4 MAN D . 4.81 12.63 -10.55
C5 MAN D . 4.01 13.89 -10.90
C6 MAN D . 4.75 14.90 -11.74
O2 MAN D . 2.97 10.55 -11.68
O3 MAN D . 4.64 10.49 -9.38
O4 MAN D . 5.98 12.99 -9.81
O5 MAN D . 2.81 13.51 -11.62
O6 MAN D . 4.79 14.55 -13.13
C1 MAN D . 4.69 10.15 -7.99
C2 MAN D . 5.73 9.03 -7.79
C3 MAN D . 5.67 8.47 -6.37
C4 MAN D . 4.72 9.28 -5.49
C5 MAN D . 3.32 9.35 -6.12
C6 MAN D . 2.40 10.34 -5.44
O2 MAN D . 7.03 9.52 -8.08
O3 MAN D . 6.96 8.42 -5.79
O4 MAN D . 4.63 8.70 -4.20
O5 MAN D . 3.40 9.71 -7.51
O6 MAN D . 2.78 11.69 -5.65
C1 MAN D . 7.21 12.31 -10.08
C2 MAN D . 8.19 12.52 -8.92
C3 MAN D . 8.85 13.89 -8.95
C4 MAN D . 9.41 14.23 -10.32
C5 MAN D . 8.34 14.03 -11.40
C6 MAN D . 8.84 14.24 -12.81
O2 MAN D . 9.17 11.47 -8.91
O3 MAN D . 9.88 13.96 -7.96
O4 MAN D . 9.86 15.58 -10.35
O5 MAN D . 7.82 12.69 -11.34
O6 MAN D . 9.74 13.21 -13.21
C1 MAN D . -1.05 15.85 -4.31
C2 MAN D . -0.11 16.91 -3.68
C3 MAN D . 0.99 16.24 -2.87
C4 MAN D . 0.44 15.20 -1.89
C5 MAN D . -0.48 14.23 -2.63
C6 MAN D . -1.16 13.24 -1.72
O2 MAN D . -0.86 17.83 -2.89
O3 MAN D . 1.75 17.23 -2.18
O4 MAN D . 1.53 14.47 -1.31
O5 MAN D . -1.52 14.95 -3.30
O6 MAN D . -1.84 12.24 -2.47
S SO4 E . -23.45 -11.40 9.49
O1 SO4 E . -22.52 -11.39 10.63
O2 SO4 E . -24.11 -10.09 9.36
O3 SO4 E . -22.67 -11.68 8.29
O4 SO4 E . -24.49 -12.43 9.68
S SO4 F . -39.39 -12.61 -1.82
O1 SO4 F . -38.95 -11.45 -1.03
O2 SO4 F . -38.24 -13.45 -2.17
O3 SO4 F . -40.04 -12.13 -3.03
O4 SO4 F . -40.35 -13.40 -1.05
S SO4 G . 8.88 6.97 2.44
O1 SO4 G . 9.93 7.67 3.19
O2 SO4 G . 8.57 7.74 1.23
O3 SO4 G . 7.73 6.90 3.33
O4 SO4 G . 9.27 5.61 2.02
O1 PG4 H . -30.72 -24.59 -2.47
C1 PG4 H . -31.99 -23.97 -2.69
C2 PG4 H . -32.89 -24.82 -3.53
O2 PG4 H . -32.26 -25.14 -4.77
C3 PG4 H . -32.78 -26.31 -5.38
C4 PG4 H . -31.79 -27.44 -5.35
O3 PG4 H . -30.72 -27.19 -6.26
C5 PG4 H . -30.47 -28.28 -7.12
C6 PG4 H . -29.75 -27.83 -8.35
O4 PG4 H . -28.34 -28.06 -8.26
C7 PG4 H . -27.90 -29.21 -8.99
C8 PG4 H . -26.42 -29.17 -9.17
O5 PG4 H . -26.01 -28.25 -10.16
C1 PG4 I . -40.26 -1.22 5.05
C2 PG4 I . -39.90 -2.24 4.01
O2 PG4 I . -39.06 -3.23 4.54
C3 PG4 I . -37.90 -3.49 3.75
C4 PG4 I . -37.17 -4.70 4.25
O3 PG4 I . -36.31 -4.41 5.34
C5 PG4 I . -36.07 -5.54 6.17
C6 PG4 I . -34.61 -5.87 6.31
O4 PG4 I . -34.47 -7.01 7.16
C7 PG4 I . -33.14 -7.53 7.22
C8 PG4 I . -33.19 -9.00 7.43
O5 PG4 I . -31.90 -9.55 7.72
C1 GOL J . 15.41 29.97 -21.28
O1 GOL J . 14.23 30.72 -21.00
C2 GOL J . 15.23 29.05 -22.45
O2 GOL J . 15.75 29.66 -23.64
C3 GOL J . 15.88 27.71 -22.24
O3 GOL J . 17.27 27.84 -21.98
S SO4 K . 28.88 3.00 -15.96
O1 SO4 K . 29.08 2.51 -17.32
O2 SO4 K . 30.00 3.88 -15.64
O3 SO4 K . 28.82 1.86 -15.02
O4 SO4 K . 27.62 3.75 -15.91
#